data_5JTT
#
_entry.id   5JTT
#
_cell.length_a   128.600
_cell.length_b   128.600
_cell.length_c   116.240
_cell.angle_alpha   90.00
_cell.angle_beta   90.00
_cell.angle_gamma   90.00
#
_symmetry.space_group_name_H-M   'P 43 21 2'
#
loop_
_entity.id
_entity.type
_entity.pdbx_description
1 polymer 'Glycogen phosphorylase, muscle form'
2 non-polymer "PYRIDOXAL-5'-PHOSPHATE"
3 non-polymer (1S)-1,5-anhydro-1-(5-phenyl-1H-imidazol-2-yl)-D-glucitol
4 non-polymer 'DIMETHYL SULFOXIDE'
5 water water
#
_entity_poly.entity_id   1
_entity_poly.type   'polypeptide(L)'
_entity_poly.pdbx_seq_one_letter_code
;MSRPLSDQEKRKQISVRGLAGVENVTELKKNFNRHLHFTLVKDRNVATPRDYYFALAHTVRDHLVGRWIRTQQHYYEKDP
KRIYYLSLEFYMGRTLQNTMVNLALENACDEATYQLGLDMEELEEIEEDAGLGNGGLGRLAACFLDSMATLGLAAYGYGI
RYEFGIFNQKICGGWQMEEADDWLRYGNPWEKARPEFTLPVHFYGRVEHTSQGAKWVDTQVVLAMPYDTPVPGYRNNVVN
TMRLWSAKAPNDFNLKDFNVGGYIQAVLDRNLAENISRVLYPNDNFFEGKELRLKQEYFVVAATLQDIIRRFKSSKFGCR
DPVRTNFDAFPDKVAIQLNDTHPSLAIPELMRVLVDLERLDWDKAWEVTVKTCAYTNHTVLPEALERWPVHLLETLLPRH
LQIIYEINQRFLNRVAAAFPGDVDRLRRMSLVEEGAVKRINMAHLCIAGSHAVNGVARIHSEILKKTIFKDFYELEPHKF
QNKTNGITPRRWLVLCNPGLAEIIAERIGEEYISDLDQLRKLLSYVDDEAFIRDVAKVKQENKLKFAAYLEREYKVHINP
NSLFDVQVKRIHEYKRQLLNCLHVITLYNRIKKEPNKFVVPRTVMIGGKAAPGYHMAKMIIKLITAIGDVVNHDPVVGDR
LRVIFLENYRVSLAEKVIPAADLSEQISTAGTEASGTGNMKFMLNGALTIGTMDGANVEMAEEAGEENFFIFGMRVEDVD
RLDQRGYNAQEYYDRIPELRQIIEQLSSGFFSPKQPDLFKDIVNMLMHHDRFKVFADYEEYVKCQERVSALYKNPREWTR
MVIRNIATSGKFSSDRTIAQYAREIWGVEPSRQRLPAPDEKIP
;
_entity_poly.pdbx_strand_id   A
#
loop_
_chem_comp.id
_chem_comp.type
_chem_comp.name
_chem_comp.formula
6MY non-polymer (1S)-1,5-anhydro-1-(5-phenyl-1H-imidazol-2-yl)-D-glucitol 'C15 H18 N2 O5'
DMS non-polymer 'DIMETHYL SULFOXIDE' 'C2 H6 O S'
PLP non-polymer PYRIDOXAL-5'-PHOSPHATE 'C8 H10 N O6 P'
#
# COMPACT_ATOMS: atom_id res chain seq x y z
N GLN A 13 3.11 14.78 -28.57
CA GLN A 13 1.69 14.38 -28.86
C GLN A 13 0.69 15.12 -27.95
N ILE A 14 0.68 14.83 -26.64
CA ILE A 14 -0.24 15.50 -25.69
C ILE A 14 0.46 16.49 -24.74
N SER A 15 -0.24 17.57 -24.42
CA SER A 15 0.31 18.72 -23.69
C SER A 15 0.99 18.40 -22.35
N VAL A 16 0.29 17.70 -21.46
CA VAL A 16 0.82 17.42 -20.10
C VAL A 16 2.12 16.58 -20.09
N ARG A 17 2.44 15.94 -21.22
CA ARG A 17 3.68 15.16 -21.34
C ARG A 17 4.97 15.98 -21.60
N GLY A 18 4.85 17.31 -21.64
CA GLY A 18 6.01 18.21 -21.75
C GLY A 18 6.45 18.50 -23.18
N LEU A 19 7.57 19.21 -23.33
CA LEU A 19 8.08 19.64 -24.64
C LEU A 19 9.01 18.60 -25.29
N ALA A 20 8.99 18.56 -26.62
CA ALA A 20 9.94 17.77 -27.40
C ALA A 20 10.83 18.71 -28.24
N GLY A 21 11.71 19.43 -27.57
CA GLY A 21 12.64 20.35 -28.23
C GLY A 21 13.74 19.64 -29.01
N VAL A 22 14.12 20.21 -30.16
CA VAL A 22 15.11 19.59 -31.05
C VAL A 22 16.44 19.28 -30.35
N GLU A 23 16.92 20.22 -29.53
CA GLU A 23 18.18 20.04 -28.81
C GLU A 23 18.09 18.85 -27.83
N ASN A 24 17.03 18.84 -27.02
CA ASN A 24 16.82 17.76 -26.07
C ASN A 24 16.69 16.40 -26.72
N VAL A 25 15.85 16.31 -27.75
CA VAL A 25 15.67 15.06 -28.51
C VAL A 25 16.99 14.58 -29.09
N THR A 26 17.79 15.50 -29.62
CA THR A 26 19.08 15.12 -30.22
C THR A 26 20.04 14.55 -29.15
N GLU A 27 20.11 15.23 -28.01
CA GLU A 27 20.92 14.81 -26.86
C GLU A 27 20.49 13.43 -26.29
N LEU A 28 19.20 13.23 -26.08
CA LEU A 28 18.68 11.94 -25.64
C LEU A 28 19.05 10.80 -26.59
N LYS A 29 18.96 11.07 -27.89
CA LYS A 29 19.31 10.05 -28.87
C LYS A 29 20.77 9.64 -28.79
N LYS A 30 21.66 10.61 -28.63
CA LYS A 30 23.07 10.28 -28.59
C LYS A 30 23.45 9.59 -27.28
N ASN A 31 22.81 9.96 -26.17
CA ASN A 31 23.06 9.30 -24.90
C ASN A 31 22.49 7.89 -24.87
N PHE A 32 21.36 7.68 -25.51
CA PHE A 32 20.80 6.34 -25.67
C PHE A 32 21.81 5.44 -26.40
N ASN A 33 22.35 5.96 -27.50
CA ASN A 33 23.32 5.18 -28.28
C ASN A 33 24.60 4.94 -27.51
N ARG A 34 25.01 5.92 -26.71
CA ARG A 34 26.20 5.78 -25.90
C ARG A 34 26.01 4.65 -24.88
N HIS A 35 24.86 4.62 -24.20
CA HIS A 35 24.64 3.60 -23.17
C HIS A 35 24.56 2.23 -23.81
N LEU A 36 23.92 2.13 -24.96
CA LEU A 36 23.75 0.86 -25.63
C LEU A 36 25.13 0.24 -25.91
N HIS A 37 26.08 1.08 -26.28
CA HIS A 37 27.42 0.66 -26.68
C HIS A 37 28.27 0.42 -25.44
N PHE A 38 28.49 1.47 -24.67
CA PHE A 38 29.40 1.43 -23.53
C PHE A 38 28.86 0.78 -22.26
N THR A 39 27.57 0.89 -22.01
CA THR A 39 27.01 0.39 -20.74
C THR A 39 26.54 -1.02 -20.93
N LEU A 40 25.82 -1.26 -22.01
CA LEU A 40 25.23 -2.56 -22.24
C LEU A 40 26.15 -3.45 -23.04
N VAL A 41 27.13 -2.86 -23.73
CA VAL A 41 28.07 -3.61 -24.59
C VAL A 41 27.30 -4.43 -25.62
N LYS A 42 26.45 -3.74 -26.38
CA LYS A 42 25.69 -4.34 -27.47
C LYS A 42 25.81 -3.46 -28.72
N ASP A 43 25.56 -4.00 -29.90
CA ASP A 43 25.32 -3.17 -31.10
C ASP A 43 23.89 -3.43 -31.55
N ARG A 44 23.38 -2.57 -32.43
CA ARG A 44 21.98 -2.63 -32.87
C ARG A 44 21.62 -3.95 -33.58
N ASN A 45 22.60 -4.72 -34.05
CA ASN A 45 22.30 -5.98 -34.76
C ASN A 45 21.86 -7.10 -33.86
N VAL A 46 22.26 -7.07 -32.59
CA VAL A 46 21.89 -8.14 -31.67
C VAL A 46 21.07 -7.69 -30.46
N ALA A 47 20.79 -6.39 -30.38
CA ALA A 47 20.08 -5.83 -29.24
C ALA A 47 18.64 -6.26 -29.25
N THR A 48 18.11 -6.60 -28.09
CA THR A 48 16.71 -6.99 -27.94
C THR A 48 15.91 -5.84 -27.32
N PRO A 49 14.58 -5.96 -27.30
CA PRO A 49 13.80 -4.95 -26.61
C PRO A 49 14.28 -4.70 -25.19
N ARG A 50 14.76 -5.73 -24.49
CA ARG A 50 15.22 -5.54 -23.11
C ARG A 50 16.45 -4.66 -23.06
N ASP A 51 17.36 -4.83 -24.03
CA ASP A 51 18.53 -3.97 -24.07
C ASP A 51 18.13 -2.52 -24.32
N TYR A 52 17.12 -2.34 -25.16
CA TYR A 52 16.62 -1.03 -25.46
C TYR A 52 15.95 -0.36 -24.27
N TYR A 53 15.17 -1.13 -23.51
CA TYR A 53 14.67 -0.63 -22.25
C TYR A 53 15.81 -0.16 -21.36
N PHE A 54 16.84 -0.99 -21.15
CA PHE A 54 17.93 -0.60 -20.27
C PHE A 54 18.68 0.65 -20.77
N ALA A 55 18.85 0.77 -22.09
CA ALA A 55 19.53 1.94 -22.62
C ALA A 55 18.73 3.21 -22.28
N LEU A 56 17.40 3.14 -22.40
CA LEU A 56 16.54 4.29 -22.07
C LEU A 56 16.57 4.59 -20.58
N ALA A 57 16.49 3.54 -19.75
CA ALA A 57 16.55 3.76 -18.29
C ALA A 57 17.83 4.46 -17.87
N HIS A 58 18.99 4.00 -18.38
CA HIS A 58 20.25 4.68 -18.04
C HIS A 58 20.26 6.13 -18.55
N THR A 59 19.66 6.36 -19.70
CA THR A 59 19.63 7.72 -20.27
C THR A 59 18.81 8.66 -19.37
N VAL A 60 17.65 8.18 -18.94
CA VAL A 60 16.80 8.97 -18.05
C VAL A 60 17.41 9.12 -16.67
N ARG A 61 18.03 8.05 -16.17
CA ARG A 61 18.69 8.12 -14.89
C ARG A 61 19.76 9.18 -14.81
N ASP A 62 20.52 9.33 -15.88
CA ASP A 62 21.55 10.37 -15.94
C ASP A 62 20.98 11.76 -15.60
N HIS A 63 19.74 12.03 -16.01
CA HIS A 63 19.10 13.34 -15.67
C HIS A 63 18.74 13.56 -14.20
N LEU A 64 18.68 12.48 -13.42
CA LEU A 64 18.43 12.58 -11.99
C LEU A 64 19.65 12.97 -11.20
N VAL A 65 20.83 12.65 -11.72
CA VAL A 65 22.05 12.65 -10.91
C VAL A 65 22.43 14.00 -10.36
N GLY A 66 22.47 15.01 -11.24
CA GLY A 66 22.83 16.34 -10.79
C GLY A 66 21.89 16.87 -9.75
N ARG A 67 20.60 16.63 -9.96
CA ARG A 67 19.58 17.12 -9.02
C ARG A 67 19.66 16.37 -7.68
N TRP A 68 19.98 15.09 -7.74
CA TRP A 68 20.14 14.28 -6.54
C TRP A 68 21.29 14.77 -5.69
N ILE A 69 22.44 14.96 -6.31
CA ILE A 69 23.61 15.45 -5.58
C ILE A 69 23.33 16.85 -5.02
N ARG A 70 22.69 17.70 -5.81
CA ARG A 70 22.47 19.08 -5.38
C ARG A 70 21.43 19.15 -4.27
N THR A 71 20.37 18.34 -4.37
CA THR A 71 19.38 18.32 -3.28
C THR A 71 20.04 17.92 -1.97
N GLN A 72 20.82 16.85 -1.99
CA GLN A 72 21.40 16.34 -0.73
C GLN A 72 22.44 17.33 -0.17
N GLN A 73 23.18 18.00 -1.05
CA GLN A 73 24.09 19.09 -0.67
C GLN A 73 23.34 20.22 0.03
N HIS A 74 22.23 20.62 -0.58
CA HIS A 74 21.35 21.66 -0.04
C HIS A 74 20.90 21.36 1.38
N TYR A 75 20.52 20.10 1.68
CA TYR A 75 20.10 19.73 3.03
C TYR A 75 21.27 19.78 4.00
N TYR A 76 22.45 19.42 3.53
CA TYR A 76 23.65 19.54 4.37
C TYR A 76 23.93 21.00 4.77
N GLU A 77 23.74 21.93 3.84
CA GLU A 77 24.05 23.35 4.05
C GLU A 77 23.00 24.03 4.91
N LYS A 78 21.75 23.86 4.52
CA LYS A 78 20.61 24.46 5.22
C LYS A 78 20.19 23.77 6.53
N ASP A 79 20.57 22.51 6.71
CA ASP A 79 20.28 21.73 7.93
C ASP A 79 18.82 21.85 8.39
N PRO A 80 17.86 21.53 7.51
CA PRO A 80 16.48 21.55 7.94
C PRO A 80 16.19 20.38 8.87
N LYS A 81 15.05 20.41 9.53
CA LYS A 81 14.55 19.22 10.21
C LYS A 81 14.34 18.09 9.21
N ARG A 82 14.86 16.90 9.54
CA ARG A 82 14.79 15.76 8.64
C ARG A 82 13.69 14.79 9.08
N ILE A 83 12.93 14.29 8.12
CA ILE A 83 11.83 13.37 8.38
C ILE A 83 12.24 11.97 7.94
N TYR A 84 12.14 11.01 8.85
CA TYR A 84 12.51 9.63 8.55
C TYR A 84 11.29 8.76 8.60
N TYR A 85 10.93 8.21 7.45
CA TYR A 85 9.73 7.40 7.33
C TYR A 85 10.14 5.92 7.32
N LEU A 86 9.92 5.22 8.44
CA LEU A 86 10.37 3.84 8.60
C LEU A 86 9.24 2.87 8.27
N SER A 87 9.50 1.94 7.36
CA SER A 87 8.49 1.00 6.91
C SER A 87 9.17 -0.29 6.53
N LEU A 88 8.47 -1.41 6.75
CA LEU A 88 8.96 -2.67 6.27
C LEU A 88 8.61 -2.90 4.81
N GLU A 89 7.82 -1.98 4.24
CA GLU A 89 7.28 -2.15 2.89
C GLU A 89 7.27 -0.84 2.13
N PHE A 90 7.75 -0.91 0.90
CA PHE A 90 7.65 0.19 -0.06
C PHE A 90 7.26 -0.41 -1.39
N TYR A 91 5.99 -0.29 -1.77
CA TYR A 91 5.51 -0.95 -2.98
C TYR A 91 5.62 0.05 -4.15
N MET A 92 6.80 0.09 -4.78
CA MET A 92 7.17 1.20 -5.69
C MET A 92 6.62 1.04 -7.10
N GLY A 93 6.45 -0.20 -7.56
CA GLY A 93 6.06 -0.47 -8.94
C GLY A 93 7.21 -0.11 -9.89
N ARG A 94 6.88 0.20 -11.14
CA ARG A 94 7.91 0.65 -12.11
C ARG A 94 8.32 2.09 -11.91
N THR A 95 9.55 2.42 -12.33
CA THR A 95 10.17 3.71 -12.10
C THR A 95 10.38 4.57 -13.38
N LEU A 96 10.47 3.95 -14.55
CA LEU A 96 10.88 4.68 -15.77
C LEU A 96 9.88 5.80 -16.11
N GLN A 97 8.61 5.45 -16.24
CA GLN A 97 7.61 6.46 -16.62
C GLN A 97 7.45 7.52 -15.57
N ASN A 98 7.44 7.12 -14.30
CA ASN A 98 7.31 8.08 -13.21
C ASN A 98 8.42 9.11 -13.22
N THR A 99 9.63 8.64 -13.52
CA THR A 99 10.76 9.53 -13.55
C THR A 99 10.65 10.54 -14.70
N MET A 100 10.24 10.07 -15.87
CA MET A 100 10.03 10.93 -17.03
C MET A 100 8.96 11.96 -16.73
N VAL A 101 7.86 11.51 -16.14
CA VAL A 101 6.77 12.42 -15.76
C VAL A 101 7.25 13.55 -14.85
N ASN A 102 7.96 13.21 -13.77
CA ASN A 102 8.41 14.18 -12.78
C ASN A 102 9.52 15.10 -13.23
N LEU A 103 10.24 14.70 -14.28
CA LEU A 103 11.32 15.51 -14.83
C LEU A 103 10.88 16.23 -16.15
N ALA A 104 9.63 16.06 -16.55
CA ALA A 104 9.07 16.62 -17.78
C ALA A 104 9.78 16.17 -19.07
N LEU A 105 10.13 14.88 -19.12
CA LEU A 105 10.88 14.29 -20.22
C LEU A 105 10.08 13.33 -21.09
N GLU A 106 8.81 13.11 -20.77
CA GLU A 106 8.06 12.07 -21.44
C GLU A 106 7.95 12.26 -22.96
N ASN A 107 7.56 13.47 -23.40
CA ASN A 107 7.39 13.67 -24.85
C ASN A 107 8.72 13.66 -25.61
N ALA A 108 9.76 14.24 -25.02
CA ALA A 108 11.12 14.19 -25.58
C ALA A 108 11.61 12.75 -25.76
N CYS A 109 11.43 11.91 -24.72
CA CYS A 109 11.83 10.51 -24.82
C CYS A 109 11.00 9.75 -25.85
N ASP A 110 9.72 10.07 -25.94
CA ASP A 110 8.83 9.44 -26.91
C ASP A 110 9.34 9.76 -28.32
N GLU A 111 9.68 11.03 -28.53
CA GLU A 111 10.17 11.50 -29.85
C GLU A 111 11.52 10.85 -30.17
N ALA A 112 12.46 10.92 -29.23
CA ALA A 112 13.80 10.33 -29.42
C ALA A 112 13.70 8.88 -29.78
N THR A 113 12.95 8.11 -29.01
CA THR A 113 12.84 6.68 -29.29
C THR A 113 12.12 6.43 -30.63
N TYR A 114 11.10 7.26 -30.90
CA TYR A 114 10.38 7.17 -32.19
C TYR A 114 11.36 7.31 -33.38
N GLN A 115 12.26 8.27 -33.29
CA GLN A 115 13.27 8.52 -34.34
C GLN A 115 14.32 7.43 -34.45
N LEU A 116 14.52 6.69 -33.37
CA LEU A 116 15.39 5.51 -33.39
C LEU A 116 14.66 4.26 -33.86
N GLY A 117 13.38 4.38 -34.18
CA GLY A 117 12.59 3.26 -34.66
C GLY A 117 12.00 2.37 -33.57
N LEU A 118 11.84 2.92 -32.37
CA LEU A 118 11.33 2.13 -31.23
C LEU A 118 10.03 2.69 -30.68
N ASP A 119 9.19 1.79 -30.15
CA ASP A 119 7.95 2.17 -29.48
C ASP A 119 8.21 2.18 -27.97
N MET A 120 8.18 3.36 -27.38
CA MET A 120 8.50 3.56 -25.98
C MET A 120 7.54 2.83 -25.04
N GLU A 121 6.28 2.72 -25.42
CA GLU A 121 5.30 2.00 -24.57
C GLU A 121 5.65 0.55 -24.43
N GLU A 122 6.25 0.00 -25.48
CA GLU A 122 6.66 -1.40 -25.51
C GLU A 122 7.87 -1.61 -24.59
N LEU A 123 8.78 -0.65 -24.63
CA LEU A 123 9.95 -0.67 -23.73
C LEU A 123 9.54 -0.54 -22.24
N GLU A 124 8.54 0.29 -21.98
CA GLU A 124 8.06 0.48 -20.60
C GLU A 124 7.55 -0.84 -20.00
N GLU A 125 6.96 -1.69 -20.82
CA GLU A 125 6.40 -2.97 -20.38
C GLU A 125 7.44 -4.00 -19.97
N ILE A 126 8.69 -3.79 -20.35
CA ILE A 126 9.76 -4.71 -19.97
C ILE A 126 10.17 -4.55 -18.50
N GLU A 127 10.01 -3.37 -17.92
CA GLU A 127 10.50 -3.12 -16.56
C GLU A 127 9.72 -3.98 -15.54
N GLU A 128 10.43 -4.57 -14.59
CA GLU A 128 9.81 -5.33 -13.48
C GLU A 128 9.23 -4.35 -12.46
N ASP A 129 8.05 -4.62 -11.88
CA ASP A 129 7.70 -3.86 -10.64
C ASP A 129 8.72 -4.08 -9.55
N ALA A 130 9.06 -3.03 -8.83
CA ALA A 130 9.67 -3.22 -7.54
C ALA A 130 8.53 -3.56 -6.57
N GLY A 131 8.33 -4.84 -6.29
CA GLY A 131 7.21 -5.30 -5.45
C GLY A 131 7.52 -5.53 -4.00
N LEU A 132 8.06 -4.51 -3.33
CA LEU A 132 8.51 -4.67 -1.95
C LEU A 132 7.43 -4.34 -0.94
N GLY A 133 6.21 -4.77 -1.25
CA GLY A 133 5.08 -4.62 -0.34
C GLY A 133 3.95 -5.56 -0.71
N ASN A 134 2.93 -5.64 0.17
CA ASN A 134 1.83 -6.55 0.03
C ASN A 134 0.62 -5.93 -0.64
N GLY A 135 0.41 -4.63 -0.44
CA GLY A 135 -0.82 -3.99 -0.90
C GLY A 135 -0.83 -2.57 -0.43
N GLY A 136 -1.90 -2.20 0.26
CA GLY A 136 -2.20 -0.81 0.60
C GLY A 136 -1.17 -0.09 1.46
N LEU A 137 -0.66 -0.78 2.47
CA LEU A 137 0.28 -0.15 3.40
C LEU A 137 1.60 0.16 2.68
N GLY A 138 2.09 -0.79 1.89
CA GLY A 138 3.34 -0.58 1.14
C GLY A 138 3.18 0.48 0.05
N ARG A 139 2.01 0.52 -0.57
CA ARG A 139 1.77 1.49 -1.64
C ARG A 139 1.57 2.88 -1.07
N LEU A 140 0.99 2.99 0.12
CA LEU A 140 0.88 4.27 0.81
C LEU A 140 2.25 4.87 1.08
N ALA A 141 3.19 4.05 1.56
CA ALA A 141 4.52 4.52 1.77
C ALA A 141 5.12 5.06 0.46
N ALA A 142 4.85 4.41 -0.65
CA ALA A 142 5.39 4.88 -1.93
C ALA A 142 4.76 6.21 -2.39
N CYS A 143 3.44 6.32 -2.27
CA CYS A 143 2.77 7.60 -2.56
C CYS A 143 3.28 8.72 -1.68
N PHE A 144 3.50 8.42 -0.39
CA PHE A 144 4.04 9.38 0.53
C PHE A 144 5.42 9.87 0.12
N LEU A 145 6.31 8.99 -0.30
CA LEU A 145 7.64 9.47 -0.71
C LEU A 145 7.54 10.46 -1.89
N ASP A 146 6.68 10.16 -2.84
CA ASP A 146 6.42 11.02 -4.02
C ASP A 146 5.91 12.41 -3.55
N SER A 147 4.94 12.39 -2.63
CA SER A 147 4.44 13.66 -2.08
C SER A 147 5.45 14.45 -1.28
N MET A 148 6.25 13.77 -0.45
CA MET A 148 7.23 14.46 0.35
C MET A 148 8.28 15.20 -0.52
N ALA A 149 8.68 14.57 -1.62
CA ALA A 149 9.63 15.19 -2.57
C ALA A 149 8.97 16.36 -3.30
N THR A 150 7.71 16.18 -3.66
CA THR A 150 6.94 17.20 -4.37
C THR A 150 6.70 18.42 -3.47
N LEU A 151 6.61 18.21 -2.17
CA LEU A 151 6.44 19.28 -1.21
C LEU A 151 7.72 19.78 -0.56
N GLY A 152 8.86 19.37 -1.09
CA GLY A 152 10.13 19.93 -0.68
C GLY A 152 10.61 19.62 0.70
N LEU A 153 10.15 18.50 1.27
CA LEU A 153 10.54 18.13 2.60
C LEU A 153 11.85 17.34 2.53
N ALA A 154 12.69 17.53 3.54
CA ALA A 154 13.95 16.80 3.65
C ALA A 154 13.63 15.42 4.23
N ALA A 155 13.13 14.53 3.37
CA ALA A 155 12.56 13.26 3.83
C ALA A 155 13.32 12.07 3.30
N TYR A 156 13.41 11.04 4.11
CA TYR A 156 14.11 9.79 3.75
C TYR A 156 13.22 8.62 4.07
N GLY A 157 13.08 7.69 3.13
CA GLY A 157 12.34 6.48 3.37
C GLY A 157 13.40 5.43 3.69
N TYR A 158 13.19 4.67 4.75
CA TYR A 158 14.14 3.63 5.16
C TYR A 158 13.39 2.31 5.28
N GLY A 159 13.97 1.27 4.67
CA GLY A 159 13.36 -0.03 4.59
C GLY A 159 14.38 -1.16 4.38
N ILE A 160 13.89 -2.28 3.90
CA ILE A 160 14.71 -3.44 3.60
C ILE A 160 14.66 -3.73 2.13
N ARG A 161 15.83 -3.96 1.55
CA ARG A 161 15.94 -4.37 0.15
C ARG A 161 15.76 -5.89 0.06
N TYR A 162 14.53 -6.33 -0.08
CA TYR A 162 14.28 -7.77 -0.16
C TYR A 162 14.78 -8.26 -1.51
N GLU A 163 15.49 -9.39 -1.51
CA GLU A 163 15.87 -10.05 -2.73
C GLU A 163 14.67 -10.55 -3.51
N PHE A 164 13.63 -10.99 -2.80
CA PHE A 164 12.39 -11.48 -3.39
C PHE A 164 11.23 -10.70 -2.78
N GLY A 165 10.46 -10.03 -3.63
CA GLY A 165 9.35 -9.22 -3.17
C GLY A 165 8.11 -10.07 -3.13
N ILE A 166 6.95 -9.44 -3.32
CA ILE A 166 5.71 -10.18 -3.26
C ILE A 166 5.72 -11.22 -4.40
N PHE A 167 5.35 -12.47 -4.10
CA PHE A 167 5.38 -13.54 -5.10
C PHE A 167 4.53 -13.26 -6.36
N ASN A 168 4.98 -13.80 -7.49
CA ASN A 168 4.19 -13.83 -8.69
C ASN A 168 3.12 -14.90 -8.57
N GLN A 169 1.89 -14.53 -8.87
CA GLN A 169 0.74 -15.44 -8.80
C GLN A 169 0.44 -16.05 -10.15
N LYS A 170 0.41 -17.37 -10.19
CA LYS A 170 -0.04 -18.13 -11.36
C LYS A 170 -1.31 -18.81 -10.96
N ILE A 171 -2.26 -18.94 -11.89
CA ILE A 171 -3.47 -19.71 -11.64
C ILE A 171 -3.37 -21.02 -12.43
N CYS A 172 -3.40 -22.14 -11.72
CA CYS A 172 -3.31 -23.46 -12.33
C CYS A 172 -4.53 -24.29 -11.92
N GLY A 173 -5.37 -24.64 -12.89
CA GLY A 173 -6.59 -25.39 -12.59
C GLY A 173 -7.52 -24.65 -11.65
N GLY A 174 -7.49 -23.33 -11.75
CA GLY A 174 -8.32 -22.47 -10.91
C GLY A 174 -7.74 -22.15 -9.53
N TRP A 175 -6.59 -22.72 -9.19
CA TRP A 175 -5.94 -22.52 -7.89
C TRP A 175 -4.72 -21.59 -7.98
N GLN A 176 -4.53 -20.75 -6.96
CA GLN A 176 -3.31 -19.95 -6.86
C GLN A 176 -2.07 -20.83 -6.67
N MET A 177 -1.03 -20.59 -7.45
CA MET A 177 0.31 -21.13 -7.22
C MET A 177 1.23 -19.90 -7.02
N GLU A 178 2.28 -20.05 -6.23
CA GLU A 178 3.21 -18.96 -5.97
C GLU A 178 4.54 -19.25 -6.65
N GLU A 179 5.13 -18.22 -7.24
CA GLU A 179 6.49 -18.37 -7.65
C GLU A 179 7.29 -17.15 -7.27
N ALA A 180 8.57 -17.38 -7.02
CA ALA A 180 9.44 -16.36 -6.48
C ALA A 180 9.54 -15.20 -7.43
N ASP A 181 9.51 -13.99 -6.89
CA ASP A 181 9.65 -12.74 -7.66
C ASP A 181 11.14 -12.36 -7.69
N ASP A 182 11.86 -12.89 -8.67
CA ASP A 182 13.28 -12.67 -8.79
C ASP A 182 13.52 -11.33 -9.50
N TRP A 183 13.11 -10.25 -8.84
CA TRP A 183 13.04 -8.94 -9.51
C TRP A 183 14.39 -8.35 -9.86
N LEU A 184 15.48 -8.84 -9.25
CA LEU A 184 16.81 -8.26 -9.44
C LEU A 184 17.65 -9.00 -10.49
N ARG A 185 17.04 -9.96 -11.13
CA ARG A 185 17.73 -10.89 -12.00
C ARG A 185 18.51 -10.18 -13.09
N TYR A 186 17.90 -9.18 -13.71
CA TYR A 186 18.53 -8.46 -14.83
C TYR A 186 19.22 -7.20 -14.34
N GLY A 187 19.20 -6.96 -13.04
CA GLY A 187 19.77 -5.78 -12.44
C GLY A 187 18.73 -4.70 -12.27
N ASN A 188 18.98 -3.83 -11.30
CA ASN A 188 18.09 -2.71 -10.99
C ASN A 188 18.86 -1.40 -11.26
N PRO A 189 18.56 -0.72 -12.37
CA PRO A 189 19.34 0.47 -12.70
C PRO A 189 19.06 1.66 -11.79
N TRP A 190 18.00 1.61 -11.00
CA TRP A 190 17.52 2.75 -10.24
C TRP A 190 18.21 2.86 -8.88
N GLU A 191 18.81 1.78 -8.39
CA GLU A 191 19.49 1.85 -7.10
C GLU A 191 20.97 2.11 -7.27
N LYS A 192 21.57 2.67 -6.23
CA LYS A 192 23.04 2.82 -6.13
C LYS A 192 23.49 2.15 -4.84
N ALA A 193 24.26 1.08 -4.98
CA ALA A 193 24.87 0.46 -3.81
C ALA A 193 25.81 1.40 -3.14
N ARG A 194 25.80 1.42 -1.81
CA ARG A 194 26.70 2.27 -1.06
C ARG A 194 27.47 1.44 -0.03
N PRO A 195 28.27 0.45 -0.47
CA PRO A 195 28.97 -0.46 0.45
C PRO A 195 29.87 0.24 1.46
N GLU A 196 30.31 1.45 1.12
CA GLU A 196 31.14 2.24 2.02
C GLU A 196 30.42 2.71 3.28
N PHE A 197 29.09 2.68 3.30
CA PHE A 197 28.32 3.14 4.49
C PHE A 197 27.66 1.98 5.24
N THR A 198 28.24 0.81 5.09
CA THR A 198 27.82 -0.39 5.78
C THR A 198 27.97 -0.25 7.31
N LEU A 199 27.00 -0.78 8.06
CA LEU A 199 26.88 -0.58 9.51
C LEU A 199 26.62 -1.93 10.17
N PRO A 200 27.12 -2.15 11.39
CA PRO A 200 26.87 -3.39 12.09
C PRO A 200 25.55 -3.38 12.85
N VAL A 201 24.89 -4.54 12.90
CA VAL A 201 23.66 -4.75 13.64
C VAL A 201 23.88 -5.97 14.51
N HIS A 202 23.46 -5.87 15.77
CA HIS A 202 23.71 -6.92 16.77
C HIS A 202 22.49 -7.76 17.12
N PHE A 203 22.70 -9.07 17.35
CA PHE A 203 21.64 -9.96 17.77
C PHE A 203 22.16 -10.90 18.89
N TYR A 204 21.20 -11.46 19.63
CA TYR A 204 21.46 -12.42 20.72
C TYR A 204 22.28 -11.80 21.83
N GLY A 205 23.27 -12.52 22.37
CA GLY A 205 24.11 -11.97 23.39
C GLY A 205 23.49 -12.00 24.77
N ARG A 206 24.00 -11.16 25.67
CA ARG A 206 23.48 -11.08 27.04
C ARG A 206 23.83 -9.72 27.60
N VAL A 207 23.19 -9.35 28.71
CA VAL A 207 23.41 -8.06 29.30
C VAL A 207 24.30 -8.19 30.53
N GLU A 208 25.32 -7.34 30.64
CA GLU A 208 26.15 -7.23 31.83
C GLU A 208 25.91 -5.91 32.49
N HIS A 209 25.71 -5.91 33.81
CA HIS A 209 25.56 -4.65 34.55
C HIS A 209 26.89 -4.29 35.21
N THR A 210 27.41 -3.11 34.88
CA THR A 210 28.68 -2.64 35.41
C THR A 210 28.45 -1.48 36.37
N SER A 211 29.55 -0.93 36.87
CA SER A 211 29.56 0.26 37.71
C SER A 211 28.89 1.44 36.99
N GLN A 212 29.21 1.59 35.70
CA GLN A 212 28.59 2.66 34.90
C GLN A 212 27.75 2.08 33.76
N GLY A 213 26.63 1.46 34.13
CA GLY A 213 25.58 1.09 33.19
C GLY A 213 25.59 -0.33 32.65
N ALA A 214 24.55 -0.64 31.90
CA ALA A 214 24.41 -1.93 31.23
C ALA A 214 25.29 -1.97 29.99
N LYS A 215 25.64 -3.18 29.61
CA LYS A 215 26.45 -3.44 28.43
C LYS A 215 25.88 -4.68 27.76
N TRP A 216 25.66 -4.58 26.45
CA TRP A 216 25.15 -5.70 25.68
C TRP A 216 26.35 -6.35 25.02
N VAL A 217 26.67 -7.57 25.42
CA VAL A 217 27.90 -8.24 24.99
C VAL A 217 27.65 -9.61 24.42
N ASP A 218 28.69 -10.17 23.80
CA ASP A 218 28.68 -11.52 23.20
C ASP A 218 27.66 -11.66 22.09
N THR A 219 27.47 -10.59 21.35
CA THR A 219 26.46 -10.60 20.29
C THR A 219 26.98 -11.24 18.99
N GLN A 220 26.05 -11.68 18.17
CA GLN A 220 26.34 -12.00 16.77
C GLN A 220 26.11 -10.76 15.94
N VAL A 221 27.00 -10.50 14.99
CA VAL A 221 26.96 -9.28 14.17
C VAL A 221 26.52 -9.63 12.76
N VAL A 222 25.57 -8.87 12.23
CA VAL A 222 25.23 -8.90 10.82
C VAL A 222 25.45 -7.49 10.27
N LEU A 223 25.99 -7.39 9.06
CA LEU A 223 26.20 -6.06 8.47
C LEU A 223 24.97 -5.62 7.68
N ALA A 224 24.72 -4.32 7.70
CA ALA A 224 23.62 -3.73 6.94
C ALA A 224 24.27 -2.85 5.89
N MET A 225 24.14 -3.22 4.62
CA MET A 225 24.66 -2.46 3.51
C MET A 225 23.54 -1.69 2.82
N PRO A 226 23.69 -0.38 2.67
CA PRO A 226 22.60 0.43 2.06
C PRO A 226 22.65 0.51 0.54
N TYR A 227 21.48 0.53 -0.07
CA TYR A 227 21.27 0.83 -1.49
C TYR A 227 20.33 2.00 -1.53
N ASP A 228 20.74 3.05 -2.23
CA ASP A 228 19.94 4.27 -2.34
C ASP A 228 19.23 4.37 -3.68
N THR A 229 17.95 4.73 -3.62
CA THR A 229 17.14 4.94 -4.80
C THR A 229 16.64 6.38 -4.78
N PRO A 230 16.78 7.11 -5.90
CA PRO A 230 16.27 8.48 -5.97
C PRO A 230 14.75 8.54 -6.08
N VAL A 231 14.19 9.55 -5.41
CA VAL A 231 12.78 9.83 -5.38
C VAL A 231 12.57 11.27 -5.88
N PRO A 232 12.28 11.42 -7.17
CA PRO A 232 12.10 12.77 -7.73
C PRO A 232 10.77 13.42 -7.38
N GLY A 233 10.80 14.70 -7.03
CA GLY A 233 9.55 15.46 -6.86
C GLY A 233 9.01 15.91 -8.22
N TYR A 234 7.76 16.38 -8.25
CA TYR A 234 7.13 16.77 -9.51
C TYR A 234 7.62 18.17 -9.96
N ARG A 235 8.51 18.14 -10.92
CA ARG A 235 8.97 19.33 -11.60
C ARG A 235 9.52 20.45 -10.71
N ASN A 236 10.08 20.07 -9.57
CA ASN A 236 10.65 21.02 -8.66
C ASN A 236 12.16 20.84 -8.46
N ASN A 237 12.77 19.96 -9.24
CA ASN A 237 14.20 19.61 -9.13
C ASN A 237 14.66 19.05 -7.78
N VAL A 238 13.72 18.59 -6.95
CA VAL A 238 14.07 17.98 -5.67
C VAL A 238 14.18 16.48 -5.93
N VAL A 239 15.23 15.85 -5.39
CA VAL A 239 15.41 14.39 -5.50
C VAL A 239 15.83 13.92 -4.12
N ASN A 240 14.90 13.25 -3.47
CA ASN A 240 15.11 12.70 -2.14
C ASN A 240 15.60 11.27 -2.27
N THR A 241 15.87 10.63 -1.14
CA THR A 241 16.44 9.28 -1.11
C THR A 241 15.54 8.28 -0.40
N MET A 242 15.43 7.08 -0.97
CA MET A 242 14.91 5.89 -0.28
C MET A 242 16.14 5.01 -0.06
N ARG A 243 16.48 4.78 1.21
CA ARG A 243 17.63 3.93 1.56
C ARG A 243 17.11 2.56 2.05
N LEU A 244 17.49 1.49 1.36
CA LEU A 244 17.05 0.14 1.70
C LEU A 244 18.28 -0.70 2.10
N TRP A 245 18.17 -1.39 3.24
CA TRP A 245 19.29 -2.14 3.79
C TRP A 245 19.25 -3.58 3.31
N SER A 246 20.44 -4.12 3.06
CA SER A 246 20.66 -5.51 2.64
C SER A 246 21.61 -6.15 3.66
N ALA A 247 21.34 -7.39 4.03
CA ALA A 247 22.08 -8.12 5.08
C ALA A 247 23.32 -8.78 4.50
N LYS A 248 24.45 -8.60 5.16
CA LYS A 248 25.73 -9.20 4.74
C LYS A 248 26.42 -9.83 5.95
N ALA A 249 27.01 -10.98 5.78
CA ALA A 249 27.78 -11.58 6.87
C ALA A 249 29.15 -10.91 6.99
N PRO A 250 29.67 -10.69 8.22
CA PRO A 250 31.09 -10.27 8.30
C PRO A 250 32.07 -11.34 7.75
N ASN A 251 33.28 -10.95 7.34
CA ASN A 251 34.18 -11.89 6.62
C ASN A 251 34.81 -12.98 7.49
N ASP A 252 34.85 -12.72 8.80
CA ASP A 252 35.26 -13.76 9.75
C ASP A 252 34.08 -14.58 10.29
N PHE A 253 32.89 -14.43 9.67
CA PHE A 253 31.66 -15.11 10.14
C PHE A 253 31.86 -16.62 10.12
N ASN A 254 31.60 -17.26 11.26
CA ASN A 254 31.85 -18.69 11.46
C ASN A 254 33.34 -19.10 11.30
N LEU A 255 34.26 -18.12 11.27
CA LEU A 255 35.68 -18.40 10.95
C LEU A 255 36.65 -17.87 12.00
N GLY A 262 34.12 -27.81 8.52
CA GLY A 262 35.25 -26.88 8.57
C GLY A 262 35.11 -25.65 7.66
N TYR A 263 36.16 -25.36 6.89
CA TYR A 263 36.21 -24.10 6.14
C TYR A 263 35.06 -23.94 5.14
N ILE A 264 34.81 -24.95 4.31
CA ILE A 264 33.78 -24.83 3.27
C ILE A 264 32.42 -24.58 3.90
N GLN A 265 32.08 -25.38 4.91
CA GLN A 265 30.79 -25.24 5.59
C GLN A 265 30.64 -23.84 6.20
N ALA A 266 31.70 -23.31 6.80
CA ALA A 266 31.64 -21.97 7.39
C ALA A 266 31.29 -20.89 6.36
N VAL A 267 31.86 -21.00 5.17
CA VAL A 267 31.53 -20.08 4.11
C VAL A 267 30.08 -20.26 3.64
N LEU A 268 29.62 -21.49 3.54
CA LEU A 268 28.24 -21.75 3.07
C LEU A 268 27.24 -21.25 4.10
N ASP A 269 27.60 -21.33 5.38
CA ASP A 269 26.71 -20.90 6.46
C ASP A 269 26.53 -19.40 6.57
N ARG A 270 27.20 -18.62 5.72
CA ARG A 270 26.95 -17.18 5.67
C ARG A 270 25.50 -16.84 5.31
N ASN A 271 24.82 -17.77 4.66
CA ASN A 271 23.41 -17.63 4.30
C ASN A 271 22.51 -17.46 5.52
N LEU A 272 22.92 -17.98 6.66
CA LEU A 272 22.14 -17.82 7.88
C LEU A 272 21.95 -16.34 8.22
N ALA A 273 23.02 -15.54 8.12
CA ALA A 273 22.97 -14.10 8.36
C ALA A 273 22.26 -13.36 7.22
N GLU A 274 22.51 -13.79 6.01
CA GLU A 274 22.04 -13.04 4.84
C GLU A 274 20.57 -13.29 4.54
N ASN A 275 20.00 -14.33 5.13
CA ASN A 275 18.57 -14.60 4.98
C ASN A 275 17.66 -13.51 5.50
N ILE A 276 18.16 -12.64 6.36
CA ILE A 276 17.34 -11.58 6.95
C ILE A 276 16.69 -10.72 5.87
N SER A 277 17.42 -10.38 4.81
CA SER A 277 16.85 -9.57 3.70
C SER A 277 16.42 -10.37 2.47
N ARG A 278 16.21 -11.68 2.61
CA ARG A 278 15.97 -12.49 1.44
C ARG A 278 14.57 -12.33 0.90
N VAL A 279 13.56 -12.27 1.77
CA VAL A 279 12.19 -12.35 1.29
C VAL A 279 11.19 -11.55 2.14
N LEU A 280 10.26 -10.90 1.43
CA LEU A 280 9.17 -10.18 2.05
C LEU A 280 8.14 -11.18 2.58
N TYR A 281 7.74 -11.05 3.85
CA TYR A 281 6.60 -11.81 4.35
C TYR A 281 5.35 -11.39 3.58
N PRO A 282 4.63 -12.37 3.01
CA PRO A 282 3.57 -12.07 2.06
C PRO A 282 2.15 -12.00 2.67
N ASN A 283 2.05 -11.58 3.92
CA ASN A 283 0.76 -11.44 4.60
C ASN A 283 0.29 -10.01 4.57
N ASP A 284 -0.96 -9.82 4.20
CA ASP A 284 -1.59 -8.52 4.25
C ASP A 284 -2.53 -8.46 5.44
N ASN A 285 -2.34 -7.49 6.31
CA ASN A 285 -3.23 -7.25 7.45
C ASN A 285 -3.35 -8.52 8.30
N PHE A 286 -2.21 -9.11 8.65
CA PHE A 286 -2.15 -10.34 9.44
C PHE A 286 -0.77 -10.40 10.11
N PHE A 287 -0.75 -10.83 11.37
CA PHE A 287 0.50 -11.00 12.12
C PHE A 287 0.93 -12.48 12.17
N GLU A 288 2.13 -12.74 11.68
CA GLU A 288 2.78 -14.04 11.78
C GLU A 288 4.01 -13.84 12.67
N GLY A 289 3.95 -14.39 13.87
CA GLY A 289 4.98 -14.15 14.88
C GLY A 289 6.20 -15.05 14.77
N LYS A 290 6.94 -14.94 13.67
CA LYS A 290 8.12 -15.79 13.46
C LYS A 290 9.41 -15.04 13.75
N GLU A 291 10.42 -15.78 14.22
CA GLU A 291 11.71 -15.16 14.53
C GLU A 291 12.32 -14.38 13.36
N LEU A 292 12.27 -14.94 12.16
CA LEU A 292 12.90 -14.25 11.04
C LEU A 292 12.26 -12.85 10.82
N ARG A 293 10.95 -12.75 11.01
CA ARG A 293 10.27 -11.45 10.88
C ARG A 293 10.74 -10.46 11.93
N LEU A 294 10.92 -10.93 13.17
CA LEU A 294 11.44 -10.08 14.21
C LEU A 294 12.83 -9.63 13.89
N LYS A 295 13.68 -10.50 13.35
CA LYS A 295 15.02 -10.11 12.96
C LYS A 295 14.97 -8.99 11.90
N GLN A 296 14.06 -9.11 10.95
CA GLN A 296 13.89 -8.08 9.91
C GLN A 296 13.51 -6.75 10.53
N GLU A 297 12.57 -6.78 11.46
CA GLU A 297 12.11 -5.56 12.13
C GLU A 297 13.24 -4.87 12.89
N TYR A 298 14.08 -5.61 13.60
CA TYR A 298 15.17 -4.99 14.32
C TYR A 298 16.29 -4.52 13.39
N PHE A 299 16.57 -5.32 12.36
CA PHE A 299 17.61 -5.01 11.38
C PHE A 299 17.36 -3.64 10.78
N VAL A 300 16.14 -3.38 10.32
CA VAL A 300 15.86 -2.08 9.68
C VAL A 300 16.00 -0.92 10.69
N VAL A 301 15.50 -1.14 11.90
CA VAL A 301 15.51 -0.12 12.94
C VAL A 301 16.92 0.21 13.43
N ALA A 302 17.73 -0.82 13.65
CA ALA A 302 19.07 -0.63 14.19
C ALA A 302 19.99 0.07 13.20
N ALA A 303 19.94 -0.37 11.94
CA ALA A 303 20.77 0.28 10.93
C ALA A 303 20.33 1.74 10.69
N THR A 304 19.03 1.94 10.62
CA THR A 304 18.45 3.26 10.36
C THR A 304 18.82 4.26 11.46
N LEU A 305 18.65 3.87 12.73
CA LEU A 305 18.94 4.78 13.81
C LEU A 305 20.43 5.21 13.90
N GLN A 306 21.36 4.33 13.56
CA GLN A 306 22.78 4.74 13.48
C GLN A 306 23.00 5.79 12.43
N ASP A 307 22.33 5.64 11.31
CA ASP A 307 22.41 6.58 10.22
C ASP A 307 21.83 7.94 10.62
N ILE A 308 20.67 7.91 11.28
CA ILE A 308 20.03 9.11 11.78
C ILE A 308 20.95 9.88 12.76
N ILE A 309 21.53 9.16 13.70
CA ILE A 309 22.37 9.76 14.71
C ILE A 309 23.66 10.31 14.08
N ARG A 310 24.22 9.56 13.13
CA ARG A 310 25.42 10.03 12.43
C ARG A 310 25.17 11.39 11.79
N ARG A 311 24.07 11.47 11.04
CA ARG A 311 23.71 12.65 10.30
C ARG A 311 23.43 13.81 11.26
N PHE A 312 22.81 13.52 12.41
CA PHE A 312 22.57 14.52 13.45
C PHE A 312 23.85 15.08 14.07
N LYS A 313 24.83 14.22 14.36
CA LYS A 313 26.09 14.69 14.95
C LYS A 313 26.94 15.49 13.98
N SER A 314 26.74 15.24 12.69
CA SER A 314 27.47 15.96 11.66
C SER A 314 26.71 17.23 11.26
N SER A 315 26.12 17.92 12.23
CA SER A 315 25.37 19.14 11.98
C SER A 315 26.33 20.32 11.94
N THR A 325 26.68 16.41 20.68
CA THR A 325 26.79 16.17 22.11
C THR A 325 25.48 16.51 22.80
N ASN A 326 24.80 17.57 22.32
CA ASN A 326 23.58 18.03 22.95
C ASN A 326 22.32 17.49 22.27
N PHE A 327 21.79 16.42 22.86
CA PHE A 327 20.61 15.76 22.36
C PHE A 327 19.32 16.47 22.69
N ASP A 328 19.38 17.60 23.40
CA ASP A 328 18.19 18.44 23.60
C ASP A 328 17.58 18.85 22.28
N ALA A 329 18.42 19.10 21.29
CA ALA A 329 17.98 19.60 19.98
C ALA A 329 17.57 18.46 19.02
N PHE A 330 17.72 17.21 19.43
CA PHE A 330 17.43 16.05 18.56
C PHE A 330 16.02 16.10 17.96
N PRO A 331 14.99 16.28 18.81
CA PRO A 331 13.63 16.42 18.31
C PRO A 331 13.39 17.65 17.43
N ASP A 332 14.21 18.69 17.54
CA ASP A 332 14.11 19.82 16.60
C ASP A 332 14.67 19.51 15.22
N LYS A 333 15.49 18.47 15.12
CA LYS A 333 16.20 18.18 13.89
C LYS A 333 15.81 16.83 13.29
N VAL A 334 15.05 16.05 14.05
CA VAL A 334 14.68 14.70 13.62
C VAL A 334 13.20 14.39 13.92
N ALA A 335 12.48 13.86 12.92
CA ALA A 335 11.18 13.22 13.15
C ALA A 335 11.24 11.78 12.62
N ILE A 336 10.81 10.82 13.43
CA ILE A 336 10.69 9.42 13.00
C ILE A 336 9.21 9.04 12.97
N GLN A 337 8.73 8.61 11.81
CA GLN A 337 7.36 8.17 11.63
C GLN A 337 7.34 6.65 11.46
N LEU A 338 6.59 5.98 12.34
CA LEU A 338 6.50 4.53 12.36
C LEU A 338 5.28 4.12 11.55
N ASN A 339 5.51 3.42 10.45
CA ASN A 339 4.46 2.92 9.60
C ASN A 339 3.92 1.61 10.19
N ASP A 340 2.88 1.75 11.02
CA ASP A 340 2.34 0.69 11.86
C ASP A 340 3.34 0.31 12.94
N THR A 341 3.16 -0.83 13.60
CA THR A 341 4.08 -1.21 14.66
C THR A 341 5.27 -1.96 14.15
N HIS A 342 5.36 -2.20 12.84
CA HIS A 342 6.44 -3.05 12.35
C HIS A 342 7.85 -2.52 12.73
N PRO A 343 8.07 -1.18 12.71
CA PRO A 343 9.34 -0.68 13.17
C PRO A 343 9.31 -0.17 14.62
N SER A 344 8.39 -0.72 15.43
CA SER A 344 8.21 -0.25 16.83
C SER A 344 9.45 -0.34 17.71
N LEU A 345 10.37 -1.25 17.38
CA LEU A 345 11.59 -1.39 18.13
C LEU A 345 12.47 -0.14 18.06
N ALA A 346 12.16 0.82 17.17
CA ALA A 346 12.83 2.13 17.17
C ALA A 346 12.78 2.80 18.55
N ILE A 347 11.68 2.60 19.27
CA ILE A 347 11.49 3.24 20.55
C ILE A 347 12.50 2.73 21.59
N PRO A 348 12.52 1.41 21.89
CA PRO A 348 13.54 0.93 22.81
C PRO A 348 14.98 0.99 22.26
N GLU A 349 15.17 0.95 20.94
CA GLU A 349 16.52 1.10 20.38
C GLU A 349 17.06 2.53 20.59
N LEU A 350 16.22 3.54 20.37
CA LEU A 350 16.65 4.91 20.61
C LEU A 350 16.99 5.10 22.12
N MET A 351 16.17 4.55 23.00
CA MET A 351 16.48 4.60 24.43
C MET A 351 17.80 3.91 24.74
N ARG A 352 18.01 2.73 24.14
CA ARG A 352 19.25 2.00 24.34
C ARG A 352 20.48 2.81 23.99
N VAL A 353 20.46 3.41 22.81
CA VAL A 353 21.56 4.21 22.33
C VAL A 353 21.78 5.43 23.21
N LEU A 354 20.71 6.14 23.54
CA LEU A 354 20.83 7.34 24.37
C LEU A 354 21.31 7.06 25.79
N VAL A 355 20.78 6.02 26.41
CA VAL A 355 21.11 5.66 27.79
C VAL A 355 22.43 4.88 27.90
N ASP A 356 22.57 3.78 27.16
CA ASP A 356 23.74 2.91 27.29
C ASP A 356 24.98 3.42 26.61
N LEU A 357 24.83 4.12 25.49
CA LEU A 357 25.98 4.50 24.68
C LEU A 357 26.31 5.98 24.81
N GLU A 358 25.31 6.86 24.78
CA GLU A 358 25.53 8.30 24.98
C GLU A 358 25.44 8.73 26.45
N ARG A 359 24.98 7.85 27.34
CA ARG A 359 25.00 8.09 28.78
C ARG A 359 24.10 9.23 29.26
N LEU A 360 22.98 9.42 28.59
CA LEU A 360 21.94 10.30 29.07
C LEU A 360 21.22 9.62 30.22
N ASP A 361 20.69 10.41 31.13
CA ASP A 361 19.83 9.85 32.17
C ASP A 361 18.50 9.45 31.50
N TRP A 362 17.82 8.51 32.13
CA TRP A 362 16.61 7.92 31.60
C TRP A 362 15.57 8.94 31.22
N ASP A 363 15.20 9.79 32.18
CA ASP A 363 14.14 10.78 31.96
C ASP A 363 14.39 11.71 30.76
N LYS A 364 15.63 12.12 30.59
CA LYS A 364 15.98 12.98 29.49
C LYS A 364 15.91 12.22 28.16
N ALA A 365 16.46 11.01 28.13
CA ALA A 365 16.36 10.12 26.97
C ALA A 365 14.90 9.88 26.56
N TRP A 366 14.04 9.64 27.54
CA TRP A 366 12.61 9.41 27.26
C TRP A 366 11.90 10.61 26.66
N GLU A 367 12.19 11.79 27.19
CA GLU A 367 11.66 13.04 26.66
C GLU A 367 12.04 13.22 25.19
N VAL A 368 13.31 12.99 24.86
CA VAL A 368 13.78 13.07 23.49
C VAL A 368 13.07 12.04 22.61
N THR A 369 12.95 10.82 23.10
CA THR A 369 12.35 9.75 22.32
C THR A 369 10.88 10.04 21.97
N VAL A 370 10.11 10.43 22.99
CA VAL A 370 8.70 10.73 22.79
C VAL A 370 8.50 11.86 21.78
N LYS A 371 9.30 12.91 21.89
CA LYS A 371 9.19 14.05 21.01
C LYS A 371 9.65 13.79 19.59
N THR A 372 10.47 12.75 19.42
CA THR A 372 10.97 12.35 18.12
C THR A 372 10.01 11.40 17.37
N CYS A 373 9.40 10.44 18.08
CA CYS A 373 8.62 9.38 17.45
C CYS A 373 7.13 9.69 17.34
N ALA A 374 6.54 9.25 16.25
CA ALA A 374 5.12 9.29 16.04
C ALA A 374 4.68 7.99 15.37
N TYR A 375 3.47 7.55 15.69
CA TYR A 375 2.96 6.25 15.30
C TYR A 375 1.68 6.34 14.49
N THR A 376 1.67 5.68 13.33
CA THR A 376 0.47 5.52 12.54
C THR A 376 -0.07 4.11 12.64
N ASN A 377 -1.32 3.99 13.07
CA ASN A 377 -2.03 2.73 13.10
C ASN A 377 -2.81 2.52 11.84
N HIS A 378 -2.75 1.32 11.27
CA HIS A 378 -3.43 1.03 10.01
C HIS A 378 -4.44 -0.10 10.11
N THR A 379 -4.74 -0.59 11.31
CA THR A 379 -5.68 -1.72 11.42
C THR A 379 -6.24 -1.88 12.82
N VAL A 380 -7.49 -2.31 12.90
CA VAL A 380 -8.04 -2.74 14.19
C VAL A 380 -8.33 -4.22 14.23
N LEU A 381 -8.02 -4.97 13.18
CA LEU A 381 -8.28 -6.41 13.23
C LEU A 381 -7.35 -7.06 14.24
N PRO A 382 -7.91 -7.82 15.20
CA PRO A 382 -7.06 -8.43 16.25
C PRO A 382 -5.97 -9.35 15.74
N GLU A 383 -6.23 -10.08 14.67
CA GLU A 383 -5.25 -11.00 14.12
C GLU A 383 -4.08 -10.28 13.42
N ALA A 384 -4.18 -8.96 13.26
CA ALA A 384 -3.13 -8.15 12.58
C ALA A 384 -2.25 -7.42 13.58
N LEU A 385 -2.65 -7.37 14.84
CA LEU A 385 -1.90 -6.62 15.84
C LEU A 385 -0.69 -7.41 16.32
N GLU A 386 0.47 -6.76 16.37
CA GLU A 386 1.69 -7.45 16.71
C GLU A 386 1.79 -7.61 18.22
N ARG A 387 1.90 -8.85 18.65
CA ARG A 387 2.11 -9.17 20.05
C ARG A 387 3.19 -10.23 20.10
N TRP A 388 4.41 -9.84 20.42
CA TRP A 388 5.52 -10.75 20.35
C TRP A 388 5.69 -11.52 21.67
N PRO A 389 5.89 -12.85 21.60
CA PRO A 389 6.23 -13.64 22.80
C PRO A 389 7.49 -13.12 23.48
N VAL A 390 7.42 -12.95 24.80
CA VAL A 390 8.52 -12.47 25.58
C VAL A 390 9.77 -13.34 25.39
N HIS A 391 9.58 -14.65 25.27
CA HIS A 391 10.75 -15.56 25.16
C HIS A 391 11.56 -15.35 23.88
N LEU A 392 10.91 -14.95 22.78
CA LEU A 392 11.63 -14.54 21.56
C LEU A 392 12.47 -13.30 21.78
N LEU A 393 11.90 -12.28 22.41
CA LEU A 393 12.66 -11.05 22.69
C LEU A 393 13.76 -11.29 23.70
N GLU A 394 13.47 -12.13 24.69
CA GLU A 394 14.47 -12.50 25.68
C GLU A 394 15.74 -13.07 25.05
N THR A 395 15.57 -13.95 24.08
CA THR A 395 16.69 -14.61 23.42
C THR A 395 17.36 -13.71 22.40
N LEU A 396 16.54 -13.02 21.61
CA LEU A 396 17.08 -12.26 20.48
C LEU A 396 17.62 -10.89 20.87
N LEU A 397 16.94 -10.22 21.80
CA LEU A 397 17.14 -8.81 22.05
C LEU A 397 17.02 -8.57 23.55
N PRO A 398 17.91 -9.20 24.33
CA PRO A 398 17.77 -9.14 25.78
C PRO A 398 17.79 -7.77 26.39
N ARG A 399 18.60 -6.85 25.86
CA ARG A 399 18.62 -5.50 26.44
C ARG A 399 17.32 -4.73 26.13
N HIS A 400 16.77 -4.91 24.94
CA HIS A 400 15.52 -4.28 24.56
C HIS A 400 14.36 -4.73 25.45
N LEU A 401 14.32 -6.01 25.77
CA LEU A 401 13.27 -6.49 26.69
C LEU A 401 13.36 -5.77 28.05
N GLN A 402 14.56 -5.63 28.58
CA GLN A 402 14.78 -4.91 29.85
C GLN A 402 14.27 -3.50 29.76
N ILE A 403 14.57 -2.85 28.65
CA ILE A 403 14.13 -1.48 28.45
C ILE A 403 12.61 -1.39 28.36
N ILE A 404 11.99 -2.35 27.67
CA ILE A 404 10.55 -2.37 27.54
C ILE A 404 9.87 -2.57 28.91
N TYR A 405 10.44 -3.44 29.73
CA TYR A 405 9.93 -3.63 31.11
C TYR A 405 9.97 -2.33 31.91
N GLU A 406 11.08 -1.60 31.79
CA GLU A 406 11.25 -0.32 32.49
C GLU A 406 10.29 0.75 31.99
N ILE A 407 10.10 0.82 30.67
CA ILE A 407 9.09 1.69 30.09
C ILE A 407 7.72 1.36 30.68
N ASN A 408 7.41 0.08 30.73
CA ASN A 408 6.10 -0.37 31.18
C ASN A 408 5.83 0.02 32.66
N GLN A 409 6.80 -0.21 33.52
CA GLN A 409 6.68 0.14 34.95
C GLN A 409 6.44 1.64 35.15
N ARG A 410 7.24 2.46 34.47
CA ARG A 410 7.08 3.90 34.55
C ARG A 410 5.77 4.43 33.96
N PHE A 411 5.34 3.85 32.85
CA PHE A 411 4.04 4.19 32.27
C PHE A 411 2.86 3.82 33.20
N LEU A 412 2.89 2.60 33.71
CA LEU A 412 1.81 2.14 34.59
C LEU A 412 1.79 2.91 35.92
N ASN A 413 2.94 3.45 36.34
CA ASN A 413 2.96 4.35 37.51
C ASN A 413 2.21 5.64 37.21
N ARG A 414 2.31 6.14 35.98
CA ARG A 414 1.51 7.30 35.56
C ARG A 414 0.03 7.01 35.50
N VAL A 415 -0.34 5.83 35.01
CA VAL A 415 -1.74 5.42 34.92
C VAL A 415 -2.34 5.34 36.34
N ALA A 416 -1.57 4.76 37.26
CA ALA A 416 -2.01 4.53 38.63
C ALA A 416 -2.26 5.84 39.34
N ALA A 417 -1.41 6.84 39.07
CA ALA A 417 -1.59 8.15 39.66
C ALA A 417 -2.77 8.90 39.09
N ALA A 418 -3.10 8.66 37.82
CA ALA A 418 -4.20 9.34 37.16
C ALA A 418 -5.55 8.69 37.47
N PHE A 419 -5.55 7.38 37.68
CA PHE A 419 -6.80 6.63 37.86
C PHE A 419 -6.61 5.74 39.07
N PRO A 420 -6.49 6.36 40.26
CA PRO A 420 -6.10 5.55 41.41
C PRO A 420 -7.14 4.47 41.76
N GLY A 421 -6.67 3.27 42.07
CA GLY A 421 -7.54 2.16 42.40
C GLY A 421 -8.11 1.39 41.23
N ASP A 422 -7.93 1.89 39.99
CA ASP A 422 -8.50 1.24 38.81
C ASP A 422 -7.55 0.15 38.35
N VAL A 423 -7.59 -0.98 39.04
CA VAL A 423 -6.67 -2.07 38.78
C VAL A 423 -6.92 -2.78 37.47
N ASP A 424 -8.16 -2.80 36.99
CA ASP A 424 -8.39 -3.41 35.69
CA ASP A 424 -8.46 -3.38 35.69
C ASP A 424 -7.79 -2.57 34.58
N ARG A 425 -7.80 -1.24 34.72
CA ARG A 425 -7.17 -0.36 33.72
C ARG A 425 -5.66 -0.69 33.61
N LEU A 426 -5.02 -0.93 34.76
CA LEU A 426 -3.60 -1.27 34.78
C LEU A 426 -3.33 -2.51 33.98
N ARG A 427 -4.15 -3.54 34.14
CA ARG A 427 -3.91 -4.74 33.35
C ARG A 427 -4.21 -4.51 31.86
N ARG A 428 -5.25 -3.75 31.53
CA ARG A 428 -5.62 -3.48 30.13
C ARG A 428 -4.59 -2.65 29.37
N MET A 429 -3.97 -1.71 30.06
CA MET A 429 -3.03 -0.77 29.44
C MET A 429 -1.59 -1.25 29.43
N SER A 430 -1.30 -2.33 30.14
CA SER A 430 0.07 -2.80 30.27
C SER A 430 0.65 -3.14 28.90
N LEU A 431 1.95 -2.90 28.73
CA LEU A 431 2.65 -3.30 27.52
C LEU A 431 2.82 -4.80 27.52
N VAL A 432 2.81 -5.41 28.71
CA VAL A 432 3.02 -6.84 28.89
C VAL A 432 1.67 -7.52 29.06
N GLU A 433 1.35 -8.44 28.17
CA GLU A 433 0.12 -9.21 28.26
C GLU A 433 0.38 -10.52 28.98
N GLU A 434 -0.40 -10.77 30.03
CA GLU A 434 -0.28 -12.00 30.79
C GLU A 434 -1.08 -13.09 30.09
N GLY A 435 -0.79 -14.34 30.40
CA GLY A 435 -1.47 -15.47 29.77
C GLY A 435 -0.56 -16.68 29.70
N ALA A 436 -1.01 -17.68 28.95
CA ALA A 436 -0.21 -18.88 28.69
C ALA A 436 1.22 -18.49 28.30
N VAL A 437 1.38 -17.77 27.20
CA VAL A 437 2.66 -17.15 26.88
C VAL A 437 2.51 -15.65 27.13
N LYS A 438 3.45 -15.06 27.85
CA LYS A 438 3.46 -13.63 28.02
C LYS A 438 3.89 -13.03 26.67
N ARG A 439 3.28 -11.91 26.30
CA ARG A 439 3.60 -11.22 25.04
C ARG A 439 3.72 -9.73 25.32
N ILE A 440 4.44 -9.04 24.43
CA ILE A 440 4.52 -7.59 24.47
C ILE A 440 3.58 -7.05 23.41
N ASN A 441 2.70 -6.14 23.78
CA ASN A 441 1.77 -5.53 22.84
C ASN A 441 2.48 -4.31 22.23
N MET A 442 2.85 -4.42 20.95
CA MET A 442 3.67 -3.39 20.36
C MET A 442 2.92 -2.09 20.12
N ALA A 443 1.62 -2.18 19.90
CA ALA A 443 0.79 -0.98 19.76
C ALA A 443 0.79 -0.15 21.04
N HIS A 444 0.71 -0.83 22.20
CA HIS A 444 0.80 -0.12 23.48
C HIS A 444 2.15 0.53 23.64
N LEU A 445 3.21 -0.17 23.26
CA LEU A 445 4.55 0.40 23.29
C LEU A 445 4.64 1.68 22.44
N CYS A 446 4.09 1.65 21.23
CA CYS A 446 4.12 2.81 20.31
C CYS A 446 3.36 4.02 20.85
N ILE A 447 2.22 3.79 21.49
CA ILE A 447 1.44 4.87 22.05
C ILE A 447 2.19 5.52 23.21
N ALA A 448 2.75 4.70 24.09
CA ALA A 448 3.50 5.22 25.23
C ALA A 448 4.70 6.06 24.81
N GLY A 449 5.38 5.62 23.76
CA GLY A 449 6.62 6.25 23.32
C GLY A 449 6.57 7.25 22.18
N SER A 450 5.36 7.68 21.77
CA SER A 450 5.15 8.60 20.67
C SER A 450 4.39 9.83 21.16
N HIS A 451 4.72 11.00 20.62
CA HIS A 451 3.97 12.22 20.89
C HIS A 451 2.69 12.36 20.07
N ALA A 452 2.52 11.54 19.04
CA ALA A 452 1.31 11.57 18.20
C ALA A 452 0.99 10.17 17.72
N VAL A 453 -0.28 9.86 17.71
CA VAL A 453 -0.82 8.59 17.25
C VAL A 453 -1.96 8.96 16.32
N ASN A 454 -1.92 8.46 15.08
CA ASN A 454 -2.98 8.73 14.16
C ASN A 454 -3.55 7.48 13.51
N GLY A 455 -4.83 7.55 13.19
CA GLY A 455 -5.47 6.64 12.26
C GLY A 455 -5.47 7.25 10.86
N VAL A 456 -6.05 6.52 9.92
CA VAL A 456 -5.83 6.76 8.49
C VAL A 456 -7.09 7.13 7.74
N ALA A 457 -8.20 7.29 8.49
CA ALA A 457 -9.42 7.87 7.94
C ALA A 457 -10.27 8.27 9.15
N ARG A 458 -11.18 9.21 8.95
CA ARG A 458 -11.87 9.79 10.09
C ARG A 458 -12.61 8.73 10.90
N ILE A 459 -13.31 7.84 10.24
CA ILE A 459 -14.06 6.81 10.99
C ILE A 459 -13.14 5.86 11.79
N HIS A 460 -11.99 5.56 11.21
CA HIS A 460 -11.00 4.69 11.82
C HIS A 460 -10.38 5.36 13.03
N SER A 461 -9.98 6.62 12.90
CA SER A 461 -9.44 7.37 14.01
C SER A 461 -10.45 7.47 15.16
N GLU A 462 -11.72 7.61 14.84
CA GLU A 462 -12.78 7.63 15.86
C GLU A 462 -12.91 6.26 16.51
N ILE A 463 -12.86 5.19 15.73
CA ILE A 463 -12.92 3.85 16.28
C ILE A 463 -11.76 3.60 17.28
N LEU A 464 -10.56 4.08 16.94
CA LEU A 464 -9.41 3.93 17.82
C LEU A 464 -9.67 4.56 19.19
N LYS A 465 -10.31 5.72 19.21
CA LYS A 465 -10.54 6.42 20.49
C LYS A 465 -11.71 5.82 21.28
N LYS A 466 -12.64 5.20 20.58
CA LYS A 466 -13.82 4.65 21.21
C LYS A 466 -13.64 3.23 21.69
N THR A 467 -12.75 2.46 21.05
CA THR A 467 -12.62 1.02 21.30
C THR A 467 -11.21 0.62 21.73
N ILE A 468 -10.35 0.20 20.81
CA ILE A 468 -9.12 -0.48 21.23
C ILE A 468 -8.13 0.39 21.96
N PHE A 469 -8.10 1.70 21.70
CA PHE A 469 -7.19 2.59 22.43
C PHE A 469 -7.92 3.58 23.35
N LYS A 470 -9.17 3.28 23.70
CA LYS A 470 -9.95 4.15 24.58
C LYS A 470 -9.24 4.54 25.88
N ASP A 471 -8.60 3.60 26.54
CA ASP A 471 -7.92 3.84 27.81
C ASP A 471 -6.79 4.86 27.63
N PHE A 472 -6.08 4.75 26.50
CA PHE A 472 -4.95 5.63 26.19
C PHE A 472 -5.40 7.01 25.84
N TYR A 473 -6.48 7.07 25.10
CA TYR A 473 -7.11 8.33 24.78
C TYR A 473 -7.56 9.08 26.05
N GLU A 474 -8.08 8.36 27.04
CA GLU A 474 -8.52 9.00 28.29
C GLU A 474 -7.34 9.54 29.05
N LEU A 475 -6.22 8.82 29.02
CA LEU A 475 -5.01 9.26 29.68
C LEU A 475 -4.33 10.45 28.99
N GLU A 476 -4.25 10.40 27.66
CA GLU A 476 -3.51 11.43 26.91
C GLU A 476 -4.24 11.81 25.62
N PRO A 477 -5.35 12.54 25.76
CA PRO A 477 -6.19 12.84 24.60
C PRO A 477 -5.48 13.62 23.51
N HIS A 478 -4.54 14.49 23.91
CA HIS A 478 -3.78 15.34 22.99
C HIS A 478 -2.97 14.54 21.95
N LYS A 479 -2.64 13.30 22.23
CA LYS A 479 -1.81 12.50 21.31
C LYS A 479 -2.57 12.06 20.07
N PHE A 480 -3.89 11.96 20.17
CA PHE A 480 -4.65 11.29 19.13
C PHE A 480 -5.13 12.21 18.00
N GLN A 481 -4.79 11.82 16.78
CA GLN A 481 -5.13 12.58 15.60
C GLN A 481 -5.67 11.68 14.51
N ASN A 482 -6.19 12.31 13.45
CA ASN A 482 -6.55 11.65 12.21
C ASN A 482 -5.71 12.23 11.06
N LYS A 483 -5.29 11.37 10.14
CA LYS A 483 -4.70 11.79 8.87
C LYS A 483 -5.26 10.90 7.80
N THR A 484 -6.29 11.38 7.12
CA THR A 484 -6.91 10.57 6.11
C THR A 484 -5.90 10.34 4.99
N ASN A 485 -5.85 9.11 4.54
CA ASN A 485 -4.93 8.68 3.49
C ASN A 485 -5.21 9.40 2.17
N GLY A 486 -4.26 9.25 1.25
CA GLY A 486 -4.38 9.76 -0.08
C GLY A 486 -3.50 8.95 -1.02
N ILE A 487 -3.53 9.34 -2.28
CA ILE A 487 -2.78 8.71 -3.38
C ILE A 487 -2.15 9.81 -4.21
N THR A 488 -1.04 9.51 -4.89
CA THR A 488 -0.36 10.58 -5.63
C THR A 488 -1.02 10.70 -6.98
N PRO A 489 -1.38 11.92 -7.36
CA PRO A 489 -2.01 12.06 -8.67
C PRO A 489 -1.03 12.04 -9.84
N ARG A 490 0.27 11.97 -9.56
CA ARG A 490 1.24 11.76 -10.62
C ARG A 490 1.10 10.34 -11.13
N ARG A 491 1.38 9.34 -10.29
CA ARG A 491 1.19 7.97 -10.77
C ARG A 491 -0.25 7.64 -11.13
N TRP A 492 -1.19 8.10 -10.31
CA TRP A 492 -2.53 7.57 -10.37
C TRP A 492 -3.49 8.39 -11.21
N LEU A 493 -2.98 9.36 -11.94
CA LEU A 493 -3.78 10.01 -13.00
C LEU A 493 -2.93 10.31 -14.22
N VAL A 494 -1.89 11.10 -14.03
CA VAL A 494 -1.09 11.57 -15.18
C VAL A 494 -0.41 10.39 -15.88
N LEU A 495 0.26 9.56 -15.10
CA LEU A 495 0.96 8.40 -15.66
C LEU A 495 0.02 7.36 -16.23
N CYS A 496 -0.97 6.91 -15.47
CA CYS A 496 -1.79 5.80 -15.92
C CYS A 496 -2.96 6.21 -16.84
N ASN A 497 -3.37 7.47 -16.83
CA ASN A 497 -4.56 7.89 -17.58
C ASN A 497 -4.27 9.23 -18.26
N PRO A 498 -3.30 9.22 -19.19
CA PRO A 498 -2.90 10.49 -19.82
C PRO A 498 -4.06 11.14 -20.59
N GLY A 499 -4.90 10.34 -21.20
CA GLY A 499 -6.10 10.80 -21.91
C GLY A 499 -7.02 11.65 -21.05
N LEU A 500 -7.29 11.19 -19.83
CA LEU A 500 -8.09 11.95 -18.90
C LEU A 500 -7.37 13.17 -18.42
N ALA A 501 -6.08 13.04 -18.12
CA ALA A 501 -5.32 14.17 -17.65
C ALA A 501 -5.36 15.33 -18.66
N GLU A 502 -5.32 14.97 -19.93
CA GLU A 502 -5.23 15.93 -21.03
C GLU A 502 -6.53 16.72 -21.20
N ILE A 503 -7.66 16.02 -21.28
CA ILE A 503 -8.94 16.71 -21.40
C ILE A 503 -9.24 17.57 -20.19
N ILE A 504 -8.76 17.19 -19.01
CA ILE A 504 -8.87 18.09 -17.88
C ILE A 504 -7.99 19.33 -18.05
N ALA A 505 -6.75 19.12 -18.47
CA ALA A 505 -5.80 20.21 -18.58
C ALA A 505 -6.28 21.22 -19.64
N GLU A 506 -6.94 20.72 -20.67
CA GLU A 506 -7.47 21.60 -21.73
C GLU A 506 -8.40 22.66 -21.17
N ARG A 507 -9.14 22.30 -20.12
CA ARG A 507 -10.09 23.19 -19.49
C ARG A 507 -9.52 24.04 -18.39
N ILE A 508 -8.71 23.46 -17.50
CA ILE A 508 -8.33 24.19 -16.30
C ILE A 508 -6.83 24.38 -16.14
N GLY A 509 -6.05 23.97 -17.14
CA GLY A 509 -4.61 24.16 -17.10
C GLY A 509 -3.98 22.98 -16.36
N GLU A 510 -2.68 23.07 -16.12
CA GLU A 510 -1.89 21.95 -15.56
C GLU A 510 -1.64 22.03 -14.08
N GLU A 511 -2.04 23.13 -13.42
CA GLU A 511 -1.66 23.35 -12.04
C GLU A 511 -2.25 22.30 -11.09
N TYR A 512 -3.30 21.62 -11.52
CA TYR A 512 -4.02 20.70 -10.62
C TYR A 512 -3.17 19.46 -10.29
N ILE A 513 -2.15 19.16 -11.10
CA ILE A 513 -1.33 17.97 -10.91
C ILE A 513 -0.57 18.02 -9.56
N SER A 514 -0.26 19.23 -9.08
CA SER A 514 0.30 19.39 -7.73
C SER A 514 -0.59 20.22 -6.81
N ASP A 515 -1.86 20.35 -7.17
CA ASP A 515 -2.83 21.05 -6.34
C ASP A 515 -4.17 20.50 -6.73
N LEU A 516 -4.45 19.27 -6.26
CA LEU A 516 -5.57 18.53 -6.82
C LEU A 516 -6.94 19.12 -6.49
N ASP A 517 -7.02 19.97 -5.47
CA ASP A 517 -8.29 20.66 -5.15
C ASP A 517 -8.82 21.49 -6.33
N GLN A 518 -7.94 21.83 -7.26
CA GLN A 518 -8.37 22.58 -8.45
C GLN A 518 -9.34 21.82 -9.34
N LEU A 519 -9.39 20.48 -9.18
CA LEU A 519 -10.39 19.72 -9.91
C LEU A 519 -11.83 20.16 -9.61
N ARG A 520 -12.07 20.83 -8.48
CA ARG A 520 -13.40 21.41 -8.21
C ARG A 520 -13.89 22.31 -9.34
N LYS A 521 -12.97 22.92 -10.06
CA LYS A 521 -13.33 23.77 -11.21
C LYS A 521 -14.11 23.01 -12.26
N LEU A 522 -13.97 21.68 -12.29
CA LEU A 522 -14.71 20.87 -13.26
C LEU A 522 -16.20 20.81 -13.03
N LEU A 523 -16.67 21.20 -11.84
CA LEU A 523 -18.12 21.24 -11.60
C LEU A 523 -18.80 22.20 -12.59
N SER A 524 -18.09 23.25 -13.01
CA SER A 524 -18.60 24.17 -14.04
C SER A 524 -18.85 23.55 -15.38
N TYR A 525 -18.42 22.29 -15.57
CA TYR A 525 -18.50 21.64 -16.86
C TYR A 525 -19.43 20.46 -16.86
N VAL A 526 -20.19 20.26 -15.79
CA VAL A 526 -21.07 19.10 -15.67
C VAL A 526 -22.24 19.13 -16.65
N ASP A 527 -22.62 20.33 -17.11
CA ASP A 527 -23.63 20.47 -18.18
C ASP A 527 -23.05 20.79 -19.56
N ASP A 528 -21.72 20.71 -19.69
CA ASP A 528 -21.05 21.00 -20.95
C ASP A 528 -21.03 19.76 -21.83
N GLU A 529 -21.77 19.81 -22.92
CA GLU A 529 -21.92 18.66 -23.80
C GLU A 529 -20.59 18.14 -24.37
N ALA A 530 -19.65 19.06 -24.63
CA ALA A 530 -18.36 18.67 -25.20
C ALA A 530 -17.54 17.89 -24.16
N PHE A 531 -17.49 18.43 -22.94
CA PHE A 531 -16.76 17.77 -21.83
C PHE A 531 -17.36 16.41 -21.51
N ILE A 532 -18.68 16.34 -21.40
CA ILE A 532 -19.37 15.06 -21.23
C ILE A 532 -18.96 14.03 -22.29
N ARG A 533 -18.93 14.46 -23.54
CA ARG A 533 -18.54 13.56 -24.61
C ARG A 533 -17.07 13.11 -24.44
N ASP A 534 -16.19 14.02 -24.10
CA ASP A 534 -14.75 13.72 -24.00
C ASP A 534 -14.46 12.76 -22.83
N VAL A 535 -15.14 12.98 -21.70
CA VAL A 535 -14.95 12.11 -20.52
C VAL A 535 -15.37 10.68 -20.88
N ALA A 536 -16.51 10.53 -21.55
CA ALA A 536 -16.99 9.23 -21.96
C ALA A 536 -16.13 8.57 -23.02
N LYS A 537 -15.56 9.37 -23.91
CA LYS A 537 -14.69 8.84 -24.95
C LYS A 537 -13.38 8.30 -24.34
N VAL A 538 -12.84 9.02 -23.38
CA VAL A 538 -11.59 8.60 -22.72
C VAL A 538 -11.82 7.26 -22.02
N LYS A 539 -12.95 7.12 -21.32
CA LYS A 539 -13.26 5.83 -20.70
C LYS A 539 -13.38 4.70 -21.73
N GLN A 540 -14.12 4.96 -22.79
CA GLN A 540 -14.28 3.98 -23.85
C GLN A 540 -12.92 3.57 -24.43
N GLU A 541 -12.01 4.52 -24.63
CA GLU A 541 -10.70 4.19 -25.19
C GLU A 541 -9.89 3.34 -24.19
N ASN A 542 -9.97 3.68 -22.91
CA ASN A 542 -9.31 2.89 -21.87
C ASN A 542 -9.84 1.48 -21.81
N LYS A 543 -11.16 1.31 -21.95
CA LYS A 543 -11.77 -0.01 -21.95
C LYS A 543 -11.34 -0.86 -23.14
N LEU A 544 -11.27 -0.25 -24.33
CA LEU A 544 -10.80 -0.95 -25.54
C LEU A 544 -9.36 -1.40 -25.38
N LYS A 545 -8.52 -0.50 -24.89
CA LYS A 545 -7.11 -0.82 -24.68
C LYS A 545 -6.96 -2.00 -23.71
N PHE A 546 -7.69 -1.96 -22.61
CA PHE A 546 -7.62 -3.06 -21.62
C PHE A 546 -8.16 -4.38 -22.17
N ALA A 547 -9.24 -4.32 -22.93
CA ALA A 547 -9.82 -5.50 -23.55
C ALA A 547 -8.85 -6.14 -24.55
N ALA A 548 -8.09 -5.30 -25.24
CA ALA A 548 -7.04 -5.78 -26.14
C ALA A 548 -5.90 -6.43 -25.33
N TYR A 549 -5.54 -5.82 -24.20
CA TYR A 549 -4.48 -6.36 -23.34
C TYR A 549 -4.86 -7.75 -22.88
N LEU A 550 -6.13 -7.92 -22.50
CA LEU A 550 -6.61 -9.21 -22.09
C LEU A 550 -6.38 -10.27 -23.16
N GLU A 551 -6.92 -10.06 -24.35
CA GLU A 551 -6.72 -11.01 -25.46
C GLU A 551 -5.25 -11.31 -25.71
N ARG A 552 -4.45 -10.26 -25.91
CA ARG A 552 -3.02 -10.40 -26.23
C ARG A 552 -2.29 -11.30 -25.23
N GLU A 553 -2.27 -10.89 -23.96
CA GLU A 553 -1.50 -11.58 -22.91
C GLU A 553 -2.19 -12.75 -22.23
N TYR A 554 -3.51 -12.90 -22.39
CA TYR A 554 -4.25 -13.99 -21.72
C TYR A 554 -5.35 -14.64 -22.55
N LYS A 555 -5.31 -14.47 -23.87
CA LYS A 555 -6.25 -15.13 -24.81
C LYS A 555 -7.71 -15.18 -24.32
N VAL A 556 -8.13 -14.11 -23.67
CA VAL A 556 -9.50 -14.00 -23.12
C VAL A 556 -10.26 -12.90 -23.87
N HIS A 557 -11.51 -13.21 -24.22
CA HIS A 557 -12.32 -12.34 -25.09
C HIS A 557 -13.50 -11.70 -24.36
N ILE A 558 -13.43 -10.37 -24.18
CA ILE A 558 -14.49 -9.63 -23.47
C ILE A 558 -15.17 -8.57 -24.31
N ASN A 559 -16.42 -8.27 -23.96
CA ASN A 559 -17.24 -7.28 -24.63
C ASN A 559 -17.01 -5.87 -24.08
N PRO A 560 -16.40 -4.98 -24.89
CA PRO A 560 -16.03 -3.66 -24.38
C PRO A 560 -17.19 -2.69 -24.20
N ASN A 561 -18.39 -3.06 -24.62
CA ASN A 561 -19.58 -2.26 -24.34
C ASN A 561 -20.29 -2.62 -23.04
N SER A 562 -19.81 -3.66 -22.37
CA SER A 562 -20.39 -4.08 -21.10
C SER A 562 -19.91 -3.14 -19.99
N LEU A 563 -20.62 -3.16 -18.88
CA LEU A 563 -20.22 -2.40 -17.71
C LEU A 563 -19.04 -3.16 -17.06
N PHE A 564 -17.93 -2.46 -16.84
CA PHE A 564 -16.74 -3.08 -16.25
C PHE A 564 -16.79 -2.90 -14.73
N ASP A 565 -17.07 -4.02 -14.05
CA ASP A 565 -17.41 -4.09 -12.62
C ASP A 565 -16.19 -4.73 -11.97
N VAL A 566 -15.42 -3.97 -11.21
CA VAL A 566 -14.10 -4.46 -10.78
C VAL A 566 -13.86 -4.33 -9.28
N GLN A 567 -13.33 -5.44 -8.73
CA GLN A 567 -12.91 -5.51 -7.35
C GLN A 567 -11.48 -6.05 -7.39
N VAL A 568 -10.52 -5.16 -7.22
CA VAL A 568 -9.13 -5.54 -7.17
C VAL A 568 -8.52 -5.05 -5.85
N LYS A 569 -7.92 -6.00 -5.14
CA LYS A 569 -7.40 -5.81 -3.80
C LYS A 569 -7.00 -7.21 -3.29
N ARG A 570 -6.25 -7.23 -2.20
CA ARG A 570 -5.85 -8.53 -1.63
C ARG A 570 -7.11 -9.33 -1.25
N ILE A 571 -7.01 -10.65 -1.37
CA ILE A 571 -8.11 -11.56 -1.05
C ILE A 571 -8.16 -11.70 0.48
N HIS A 572 -9.31 -11.39 1.07
CA HIS A 572 -9.49 -11.47 2.53
CA HIS A 572 -9.53 -11.36 2.52
C HIS A 572 -10.96 -11.65 2.84
N GLU A 573 -11.23 -12.33 3.96
CA GLU A 573 -12.61 -12.41 4.38
C GLU A 573 -13.22 -11.02 4.65
N TYR A 574 -12.48 -10.11 5.28
CA TYR A 574 -13.09 -8.84 5.63
C TYR A 574 -13.41 -7.96 4.43
N LYS A 575 -12.68 -8.14 3.33
CA LYS A 575 -12.92 -7.36 2.11
C LYS A 575 -14.11 -7.89 1.29
N ARG A 576 -14.55 -9.10 1.62
CA ARG A 576 -15.82 -9.66 1.16
C ARG A 576 -15.93 -9.81 -0.38
N GLN A 577 -14.85 -10.29 -1.01
CA GLN A 577 -14.97 -10.83 -2.36
C GLN A 577 -16.12 -11.86 -2.41
N LEU A 578 -16.36 -12.57 -1.30
CA LEU A 578 -17.51 -13.51 -1.27
C LEU A 578 -18.87 -12.86 -1.49
N LEU A 579 -19.06 -11.64 -0.99
CA LEU A 579 -20.32 -10.95 -1.21
C LEU A 579 -20.50 -10.65 -2.70
N ASN A 580 -19.42 -10.24 -3.35
CA ASN A 580 -19.44 -10.03 -4.81
C ASN A 580 -19.82 -11.34 -5.52
N CYS A 581 -19.17 -12.43 -5.15
CA CYS A 581 -19.51 -13.75 -5.69
C CYS A 581 -21.00 -14.06 -5.59
N LEU A 582 -21.61 -13.76 -4.45
CA LEU A 582 -23.02 -14.07 -4.27
C LEU A 582 -23.84 -13.25 -5.25
N HIS A 583 -23.45 -11.99 -5.46
CA HIS A 583 -24.16 -11.16 -6.44
C HIS A 583 -24.05 -11.73 -7.86
N VAL A 584 -22.85 -12.19 -8.24
CA VAL A 584 -22.61 -12.69 -9.57
C VAL A 584 -23.49 -13.92 -9.81
N ILE A 585 -23.57 -14.81 -8.83
CA ILE A 585 -24.39 -16.01 -8.96
C ILE A 585 -25.88 -15.62 -9.05
N THR A 586 -26.29 -14.59 -8.33
CA THR A 586 -27.65 -14.08 -8.37
C THR A 586 -28.02 -13.60 -9.77
N LEU A 587 -27.13 -12.83 -10.38
CA LEU A 587 -27.31 -12.35 -11.75
C LEU A 587 -27.41 -13.51 -12.75
N TYR A 588 -26.51 -14.49 -12.60
CA TYR A 588 -26.56 -15.70 -13.41
C TYR A 588 -27.90 -16.44 -13.27
N ASN A 589 -28.31 -16.70 -12.02
CA ASN A 589 -29.59 -17.38 -11.78
C ASN A 589 -30.82 -16.61 -12.32
N ARG A 590 -30.80 -15.28 -12.22
CA ARG A 590 -31.89 -14.45 -12.76
C ARG A 590 -31.96 -14.54 -14.29
N ILE A 591 -30.81 -14.59 -14.94
CA ILE A 591 -30.76 -14.78 -16.41
C ILE A 591 -31.29 -16.14 -16.81
N LYS A 592 -30.82 -17.19 -16.16
CA LYS A 592 -31.30 -18.53 -16.45
C LYS A 592 -32.82 -18.68 -16.22
N LYS A 593 -33.37 -17.91 -15.30
CA LYS A 593 -34.79 -17.95 -14.98
C LYS A 593 -35.62 -17.25 -16.06
N GLU A 594 -35.13 -16.12 -16.57
CA GLU A 594 -35.78 -15.35 -17.66
C GLU A 594 -34.77 -14.99 -18.75
N PRO A 595 -34.41 -15.97 -19.58
CA PRO A 595 -33.30 -15.76 -20.53
C PRO A 595 -33.53 -14.62 -21.53
N ASN A 596 -34.78 -14.34 -21.86
CA ASN A 596 -35.14 -13.46 -22.96
C ASN A 596 -35.46 -12.05 -22.52
N LYS A 597 -35.25 -11.76 -21.24
CA LYS A 597 -35.39 -10.42 -20.69
C LYS A 597 -34.07 -9.68 -20.86
N PHE A 598 -34.14 -8.37 -21.13
CA PHE A 598 -32.93 -7.57 -21.24
C PHE A 598 -32.29 -7.30 -19.87
N VAL A 599 -30.97 -7.49 -19.80
CA VAL A 599 -30.19 -7.03 -18.63
C VAL A 599 -28.96 -6.27 -19.11
N VAL A 600 -28.54 -5.27 -18.35
CA VAL A 600 -27.35 -4.52 -18.69
C VAL A 600 -26.16 -5.50 -18.66
N PRO A 601 -25.42 -5.62 -19.77
CA PRO A 601 -24.27 -6.50 -19.84
C PRO A 601 -23.18 -6.08 -18.86
N ARG A 602 -22.55 -7.06 -18.22
CA ARG A 602 -21.44 -6.80 -17.29
C ARG A 602 -20.26 -7.67 -17.57
N THR A 603 -19.07 -7.11 -17.37
CA THR A 603 -17.88 -7.91 -17.22
C THR A 603 -17.44 -7.71 -15.79
N VAL A 604 -17.45 -8.80 -15.03
CA VAL A 604 -17.13 -8.75 -13.62
C VAL A 604 -15.71 -9.23 -13.49
N MET A 605 -14.83 -8.37 -13.02
CA MET A 605 -13.43 -8.68 -12.88
C MET A 605 -13.04 -8.63 -11.40
N ILE A 606 -12.44 -9.72 -10.94
CA ILE A 606 -11.97 -9.80 -9.58
C ILE A 606 -10.53 -10.25 -9.63
N GLY A 607 -9.66 -9.54 -8.93
CA GLY A 607 -8.26 -9.90 -8.87
C GLY A 607 -7.65 -9.62 -7.50
N GLY A 608 -6.60 -10.36 -7.18
CA GLY A 608 -5.84 -10.12 -5.97
C GLY A 608 -5.14 -11.38 -5.51
N LYS A 609 -4.07 -11.17 -4.73
CA LYS A 609 -3.31 -12.27 -4.18
C LYS A 609 -3.83 -12.67 -2.82
N ALA A 610 -3.76 -13.98 -2.58
CA ALA A 610 -3.99 -14.57 -1.26
C ALA A 610 -2.64 -14.84 -0.62
N ALA A 611 -2.55 -14.58 0.67
CA ALA A 611 -1.40 -15.01 1.44
C ALA A 611 -1.25 -16.53 1.31
N PRO A 612 -0.02 -17.02 1.10
CA PRO A 612 0.16 -18.46 0.81
C PRO A 612 -0.39 -19.39 1.88
N GLY A 613 -0.36 -18.96 3.14
CA GLY A 613 -0.87 -19.79 4.23
C GLY A 613 -2.33 -19.61 4.58
N TYR A 614 -3.07 -18.78 3.83
CA TYR A 614 -4.42 -18.38 4.19
C TYR A 614 -5.40 -19.24 3.41
N HIS A 615 -5.78 -20.36 4.01
CA HIS A 615 -6.55 -21.37 3.32
C HIS A 615 -7.88 -20.83 2.77
N MET A 616 -8.66 -20.14 3.59
CA MET A 616 -9.96 -19.58 3.14
C MET A 616 -9.81 -18.64 1.93
N ALA A 617 -8.79 -17.80 1.93
CA ALA A 617 -8.53 -16.90 0.79
C ALA A 617 -8.19 -17.68 -0.46
N LYS A 618 -7.46 -18.77 -0.32
CA LYS A 618 -7.19 -19.61 -1.49
C LYS A 618 -8.45 -20.29 -1.99
N MET A 619 -9.35 -20.66 -1.09
CA MET A 619 -10.62 -21.27 -1.49
C MET A 619 -11.54 -20.27 -2.23
N ILE A 620 -11.46 -19.00 -1.85
CA ILE A 620 -12.23 -17.93 -2.49
C ILE A 620 -11.77 -17.72 -3.94
N ILE A 621 -10.47 -17.75 -4.18
CA ILE A 621 -9.95 -17.71 -5.54
C ILE A 621 -10.51 -18.85 -6.37
N LYS A 622 -10.48 -20.06 -5.83
CA LYS A 622 -11.00 -21.20 -6.55
C LYS A 622 -12.49 -21.06 -6.84
N LEU A 623 -13.26 -20.54 -5.88
CA LEU A 623 -14.68 -20.29 -6.11
C LEU A 623 -14.90 -19.31 -7.27
N ILE A 624 -14.11 -18.24 -7.31
CA ILE A 624 -14.26 -17.23 -8.38
C ILE A 624 -13.99 -17.82 -9.74
N THR A 625 -12.91 -18.59 -9.87
CA THR A 625 -12.63 -19.25 -11.14
C THR A 625 -13.69 -20.31 -11.48
N ALA A 626 -14.22 -21.01 -10.48
CA ALA A 626 -15.26 -22.03 -10.72
C ALA A 626 -16.56 -21.43 -11.25
N ILE A 627 -16.93 -20.27 -10.71
CA ILE A 627 -18.09 -19.51 -11.16
C ILE A 627 -17.87 -19.09 -12.62
N GLY A 628 -16.68 -18.59 -12.92
CA GLY A 628 -16.31 -18.25 -14.31
C GLY A 628 -16.42 -19.42 -15.28
N ASP A 629 -15.97 -20.60 -14.85
CA ASP A 629 -16.04 -21.78 -15.71
C ASP A 629 -17.46 -22.11 -16.11
N VAL A 630 -18.41 -21.94 -15.19
CA VAL A 630 -19.82 -22.19 -15.50
C VAL A 630 -20.43 -21.07 -16.30
N VAL A 631 -20.28 -19.86 -15.81
CA VAL A 631 -20.95 -18.68 -16.38
C VAL A 631 -20.47 -18.37 -17.79
N ASN A 632 -19.16 -18.44 -17.99
CA ASN A 632 -18.56 -17.99 -19.23
C ASN A 632 -18.80 -18.96 -20.38
N HIS A 633 -19.30 -20.16 -20.08
CA HIS A 633 -19.51 -21.18 -21.10
C HIS A 633 -20.98 -21.56 -21.30
N ASP A 634 -21.88 -20.88 -20.59
CA ASP A 634 -23.32 -21.12 -20.73
C ASP A 634 -23.84 -20.34 -21.95
N PRO A 635 -24.28 -21.05 -23.00
CA PRO A 635 -24.69 -20.38 -24.25
C PRO A 635 -25.88 -19.43 -24.07
N VAL A 636 -26.73 -19.70 -23.08
CA VAL A 636 -27.87 -18.85 -22.83
C VAL A 636 -27.49 -17.46 -22.34
N VAL A 637 -26.37 -17.38 -21.61
CA VAL A 637 -25.90 -16.11 -21.05
C VAL A 637 -25.35 -15.23 -22.14
N GLY A 638 -24.60 -15.84 -23.05
CA GLY A 638 -24.04 -15.13 -24.20
C GLY A 638 -22.92 -14.24 -23.69
N ASP A 639 -22.89 -13.00 -24.15
CA ASP A 639 -21.93 -12.03 -23.62
C ASP A 639 -22.61 -10.99 -22.73
N ARG A 640 -23.69 -11.39 -22.07
CA ARG A 640 -24.36 -10.51 -21.11
C ARG A 640 -23.71 -10.51 -19.71
N LEU A 641 -22.98 -11.57 -19.40
CA LEU A 641 -22.28 -11.69 -18.12
C LEU A 641 -21.01 -12.50 -18.33
N ARG A 642 -19.88 -11.90 -17.97
CA ARG A 642 -18.60 -12.58 -18.00
C ARG A 642 -17.93 -12.38 -16.65
N VAL A 643 -17.27 -13.42 -16.16
CA VAL A 643 -16.55 -13.35 -14.87
C VAL A 643 -15.09 -13.73 -15.11
N ILE A 644 -14.20 -12.77 -14.89
CA ILE A 644 -12.78 -12.92 -15.14
C ILE A 644 -12.01 -12.77 -13.82
N PHE A 645 -11.12 -13.72 -13.53
CA PHE A 645 -10.16 -13.54 -12.46
C PHE A 645 -8.88 -12.94 -13.01
N LEU A 646 -8.54 -11.75 -12.57
CA LEU A 646 -7.33 -11.07 -13.06
C LEU A 646 -6.12 -11.55 -12.27
N GLU A 647 -5.26 -12.27 -12.96
CA GLU A 647 -4.11 -12.94 -12.38
C GLU A 647 -3.00 -11.97 -12.09
N ASN A 648 -2.28 -12.20 -10.98
CA ASN A 648 -1.10 -11.45 -10.62
C ASN A 648 -1.31 -9.93 -10.45
N TYR A 649 -2.40 -9.56 -9.79
CA TYR A 649 -2.66 -8.17 -9.49
C TYR A 649 -1.49 -7.57 -8.71
N ARG A 650 -1.05 -6.42 -9.18
CA ARG A 650 0.15 -5.76 -8.70
C ARG A 650 0.07 -4.30 -9.21
N VAL A 651 1.02 -3.46 -8.84
CA VAL A 651 0.92 -2.02 -9.16
C VAL A 651 0.84 -1.80 -10.68
N SER A 652 1.67 -2.48 -11.47
CA SER A 652 1.63 -2.25 -12.93
C SER A 652 0.29 -2.67 -13.56
N LEU A 653 -0.36 -3.70 -13.01
CA LEU A 653 -1.69 -4.09 -13.48
C LEU A 653 -2.79 -3.13 -13.02
N ALA A 654 -2.67 -2.60 -11.80
CA ALA A 654 -3.59 -1.58 -11.31
C ALA A 654 -3.60 -0.37 -12.28
N GLU A 655 -2.43 -0.02 -12.78
CA GLU A 655 -2.30 1.14 -13.64
C GLU A 655 -3.02 0.96 -14.96
N LYS A 656 -3.23 -0.30 -15.35
CA LYS A 656 -4.00 -0.68 -16.56
C LYS A 656 -5.50 -0.81 -16.30
N VAL A 657 -5.88 -1.54 -15.26
CA VAL A 657 -7.31 -1.84 -15.05
C VAL A 657 -8.11 -0.69 -14.43
N ILE A 658 -7.49 0.10 -13.56
CA ILE A 658 -8.25 1.13 -12.88
C ILE A 658 -8.78 2.19 -13.88
N PRO A 659 -7.96 2.64 -14.82
CA PRO A 659 -8.50 3.59 -15.83
C PRO A 659 -9.62 3.04 -16.67
N ALA A 660 -9.71 1.73 -16.75
CA ALA A 660 -10.71 1.07 -17.54
C ALA A 660 -12.03 0.75 -16.80
N ALA A 661 -12.09 0.97 -15.49
CA ALA A 661 -13.27 0.51 -14.73
C ALA A 661 -14.44 1.49 -14.81
N ASP A 662 -15.63 0.94 -14.79
CA ASP A 662 -16.87 1.70 -14.63
C ASP A 662 -17.35 1.76 -13.18
N LEU A 663 -17.26 0.61 -12.49
CA LEU A 663 -17.79 0.44 -11.16
C LEU A 663 -16.67 -0.14 -10.25
N SER A 664 -16.43 0.57 -9.16
CA SER A 664 -15.43 0.23 -8.14
C SER A 664 -16.14 -0.43 -6.95
N GLU A 665 -15.73 -1.66 -6.64
CA GLU A 665 -16.34 -2.44 -5.54
C GLU A 665 -15.54 -2.26 -4.27
N GLN A 666 -16.15 -1.57 -3.30
CA GLN A 666 -15.48 -1.23 -2.04
C GLN A 666 -16.42 -1.64 -0.89
N ILE A 667 -16.44 -2.92 -0.62
CA ILE A 667 -17.57 -3.55 0.06
C ILE A 667 -17.23 -4.31 1.35
N SER A 668 -16.20 -3.82 2.03
CA SER A 668 -15.78 -4.36 3.31
C SER A 668 -16.88 -4.15 4.38
N THR A 669 -16.94 -5.05 5.34
CA THR A 669 -17.86 -4.86 6.46
C THR A 669 -17.52 -3.59 7.22
N ALA A 670 -18.55 -2.81 7.52
CA ALA A 670 -18.34 -1.55 8.18
C ALA A 670 -17.50 -1.76 9.45
N GLY A 671 -16.46 -0.95 9.60
CA GLY A 671 -15.54 -1.03 10.74
C GLY A 671 -14.26 -1.84 10.54
N THR A 672 -14.03 -2.37 9.35
CA THR A 672 -12.91 -3.28 9.13
C THR A 672 -11.79 -2.74 8.22
N GLU A 673 -12.14 -1.95 7.20
CA GLU A 673 -11.14 -1.39 6.30
C GLU A 673 -10.73 -0.05 6.88
N ALA A 674 -9.51 0.05 7.46
CA ALA A 674 -9.10 1.28 8.16
C ALA A 674 -9.29 2.50 7.25
N SER A 675 -8.87 2.39 5.99
CA SER A 675 -9.08 3.48 5.03
C SER A 675 -9.46 2.95 3.67
N GLY A 676 -8.57 2.15 3.08
CA GLY A 676 -8.64 1.83 1.68
C GLY A 676 -7.94 2.96 0.91
N THR A 677 -7.28 2.60 -0.16
CA THR A 677 -6.69 3.54 -1.09
C THR A 677 -7.02 3.20 -2.56
N GLY A 678 -7.27 1.94 -2.89
CA GLY A 678 -7.81 1.60 -4.20
C GLY A 678 -9.08 2.40 -4.49
N ASN A 679 -9.92 2.55 -3.48
CA ASN A 679 -11.13 3.33 -3.61
C ASN A 679 -10.86 4.70 -4.22
N MET A 680 -9.81 5.35 -3.73
CA MET A 680 -9.44 6.70 -4.18
C MET A 680 -8.90 6.71 -5.60
N LYS A 681 -8.14 5.69 -5.94
CA LYS A 681 -7.65 5.53 -7.32
C LYS A 681 -8.78 5.42 -8.33
N PHE A 682 -9.81 4.63 -8.03
CA PHE A 682 -10.95 4.51 -8.92
C PHE A 682 -11.73 5.82 -9.05
N MET A 683 -11.90 6.55 -7.97
CA MET A 683 -12.63 7.81 -7.99
C MET A 683 -11.97 8.81 -8.94
N LEU A 684 -10.65 8.90 -8.86
CA LEU A 684 -9.89 9.84 -9.66
C LEU A 684 -9.93 9.54 -11.17
N ASN A 685 -10.18 8.28 -11.52
CA ASN A 685 -10.12 7.74 -12.87
C ASN A 685 -11.45 7.50 -13.56
N GLY A 686 -12.51 7.96 -12.93
CA GLY A 686 -13.82 8.02 -13.61
C GLY A 686 -14.67 6.78 -13.47
N ALA A 687 -14.51 6.06 -12.36
CA ALA A 687 -15.44 5.01 -12.00
C ALA A 687 -16.36 5.53 -10.90
N LEU A 688 -17.58 4.98 -10.87
CA LEU A 688 -18.49 5.24 -9.76
C LEU A 688 -18.25 4.14 -8.73
N THR A 689 -18.59 4.41 -7.47
CA THR A 689 -18.29 3.46 -6.39
C THR A 689 -19.56 2.84 -5.80
N ILE A 690 -19.57 1.52 -5.67
CA ILE A 690 -20.55 0.85 -4.81
C ILE A 690 -19.82 0.42 -3.54
N GLY A 691 -20.28 0.88 -2.40
CA GLY A 691 -19.53 0.68 -1.19
C GLY A 691 -20.36 0.82 0.08
N THR A 692 -19.82 0.21 1.12
CA THR A 692 -20.27 0.41 2.48
C THR A 692 -19.69 1.69 3.06
N MET A 693 -20.27 2.14 4.16
CA MET A 693 -19.75 3.30 4.86
C MET A 693 -18.60 2.86 5.78
N ASP A 694 -17.47 2.55 5.15
CA ASP A 694 -16.31 2.04 5.85
C ASP A 694 -15.07 2.82 5.41
N GLY A 695 -14.12 3.00 6.32
CA GLY A 695 -12.86 3.65 6.00
C GLY A 695 -13.05 4.99 5.33
N ALA A 696 -12.28 5.26 4.28
CA ALA A 696 -12.37 6.55 3.59
C ALA A 696 -13.56 6.67 2.64
N ASN A 697 -14.28 5.56 2.40
CA ASN A 697 -15.52 5.62 1.63
C ASN A 697 -16.47 6.69 2.19
N VAL A 698 -16.50 6.81 3.51
CA VAL A 698 -17.33 7.82 4.18
C VAL A 698 -17.01 9.25 3.76
N GLU A 699 -15.72 9.57 3.75
CA GLU A 699 -15.25 10.89 3.33
C GLU A 699 -15.39 11.08 1.84
N MET A 700 -15.25 10.01 1.06
CA MET A 700 -15.46 10.13 -0.39
C MET A 700 -16.92 10.51 -0.71
N ALA A 701 -17.86 9.85 -0.04
CA ALA A 701 -19.29 10.14 -0.24
C ALA A 701 -19.63 11.55 0.22
N GLU A 702 -19.04 11.96 1.33
CA GLU A 702 -19.22 13.30 1.84
C GLU A 702 -18.71 14.36 0.87
N GLU A 703 -17.56 14.12 0.25
CA GLU A 703 -17.01 15.07 -0.72
C GLU A 703 -17.86 15.14 -1.99
N ALA A 704 -18.22 14.01 -2.55
CA ALA A 704 -18.96 13.97 -3.81
C ALA A 704 -20.47 14.23 -3.67
N GLY A 705 -21.00 13.98 -2.48
CA GLY A 705 -22.44 13.95 -2.24
C GLY A 705 -22.95 12.54 -2.26
N GLU A 706 -23.75 12.19 -1.26
CA GLU A 706 -24.31 10.84 -1.16
C GLU A 706 -25.13 10.45 -2.37
N GLU A 707 -25.75 11.42 -3.04
CA GLU A 707 -26.52 11.19 -4.27
C GLU A 707 -25.67 10.67 -5.42
N ASN A 708 -24.36 10.89 -5.34
CA ASN A 708 -23.42 10.55 -6.41
C ASN A 708 -22.54 9.34 -6.09
N PHE A 709 -23.02 8.54 -5.13
CA PHE A 709 -22.32 7.38 -4.61
C PHE A 709 -23.35 6.28 -4.38
N PHE A 710 -22.99 5.04 -4.64
CA PHE A 710 -23.92 3.94 -4.40
C PHE A 710 -23.62 3.31 -3.05
N ILE A 711 -24.25 3.84 -2.02
CA ILE A 711 -23.99 3.41 -0.65
C ILE A 711 -25.01 2.37 -0.25
N PHE A 712 -24.57 1.32 0.41
CA PHE A 712 -25.48 0.32 0.92
C PHE A 712 -24.94 -0.30 2.21
N GLY A 713 -25.85 -0.99 2.91
CA GLY A 713 -25.44 -1.88 3.98
C GLY A 713 -25.38 -1.30 5.35
N MET A 714 -25.02 -2.17 6.29
CA MET A 714 -24.88 -1.78 7.69
C MET A 714 -23.83 -0.71 7.87
N ARG A 715 -24.13 0.24 8.74
CA ARG A 715 -23.14 1.15 9.26
C ARG A 715 -22.49 0.45 10.46
N VAL A 716 -21.44 1.06 10.99
CA VAL A 716 -20.71 0.50 12.12
C VAL A 716 -21.65 0.21 13.30
N GLU A 717 -22.57 1.12 13.56
CA GLU A 717 -23.50 1.00 14.69
C GLU A 717 -24.51 -0.12 14.49
N ASP A 718 -24.84 -0.44 13.22
CA ASP A 718 -25.68 -1.58 12.92
C ASP A 718 -24.93 -2.89 13.15
N VAL A 719 -23.64 -2.91 12.83
CA VAL A 719 -22.84 -4.09 13.10
C VAL A 719 -22.78 -4.37 14.61
N ASP A 720 -22.55 -3.32 15.39
CA ASP A 720 -22.53 -3.43 16.86
C ASP A 720 -23.86 -3.96 17.41
N ARG A 721 -24.98 -3.47 16.89
CA ARG A 721 -26.30 -3.96 17.32
C ARG A 721 -26.47 -5.42 17.01
N LEU A 722 -26.06 -5.85 15.82
CA LEU A 722 -26.13 -7.28 15.45
C LEU A 722 -25.27 -8.17 16.37
N ASP A 723 -24.07 -7.71 16.69
CA ASP A 723 -23.17 -8.45 17.57
C ASP A 723 -23.75 -8.57 18.98
N GLN A 724 -24.45 -7.53 19.43
CA GLN A 724 -25.06 -7.53 20.76
C GLN A 724 -26.14 -8.57 20.86
N ARG A 725 -27.03 -8.64 19.88
CA ARG A 725 -28.06 -9.66 19.94
C ARG A 725 -27.60 -11.03 19.42
N GLY A 726 -26.54 -11.07 18.61
CA GLY A 726 -25.98 -12.31 18.08
C GLY A 726 -26.27 -12.54 16.61
N TYR A 727 -25.23 -12.67 15.80
CA TYR A 727 -25.43 -12.87 14.38
C TYR A 727 -25.83 -14.31 14.09
N ASN A 728 -27.02 -14.49 13.53
CA ASN A 728 -27.50 -15.79 13.11
C ASN A 728 -27.73 -15.81 11.60
N ALA A 729 -26.78 -16.40 10.88
CA ALA A 729 -26.86 -16.46 9.42
C ALA A 729 -28.06 -17.25 8.91
N GLN A 730 -28.49 -18.27 9.68
CA GLN A 730 -29.59 -19.13 9.27
C GLN A 730 -30.87 -18.31 8.99
N GLU A 731 -31.05 -17.23 9.76
CA GLU A 731 -32.21 -16.35 9.62
C GLU A 731 -32.32 -15.80 8.19
N TYR A 732 -31.18 -15.38 7.63
CA TYR A 732 -31.15 -14.81 6.28
C TYR A 732 -31.42 -15.89 5.24
N TYR A 733 -30.79 -17.05 5.42
CA TYR A 733 -31.03 -18.23 4.58
C TYR A 733 -32.52 -18.58 4.53
N ASP A 734 -33.15 -18.55 5.69
CA ASP A 734 -34.56 -18.92 5.80
C ASP A 734 -35.53 -17.94 5.14
N ARG A 735 -35.15 -16.67 5.06
CA ARG A 735 -36.07 -15.61 4.63
C ARG A 735 -35.83 -15.13 3.21
N ILE A 736 -34.70 -15.51 2.61
CA ILE A 736 -34.34 -14.98 1.28
C ILE A 736 -34.15 -16.15 0.36
N PRO A 737 -35.18 -16.44 -0.47
CA PRO A 737 -35.13 -17.60 -1.36
C PRO A 737 -33.97 -17.57 -2.36
N GLU A 738 -33.68 -16.39 -2.93
CA GLU A 738 -32.55 -16.28 -3.87
C GLU A 738 -31.21 -16.66 -3.23
N LEU A 739 -31.06 -16.33 -1.95
CA LEU A 739 -29.85 -16.66 -1.19
C LEU A 739 -29.78 -18.15 -0.88
N ARG A 740 -30.90 -18.74 -0.46
CA ARG A 740 -30.98 -20.19 -0.26
C ARG A 740 -30.63 -20.99 -1.52
N GLN A 741 -31.13 -20.55 -2.68
CA GLN A 741 -30.78 -21.20 -3.94
C GLN A 741 -29.28 -21.28 -4.16
N ILE A 742 -28.60 -20.19 -3.87
CA ILE A 742 -27.14 -20.11 -4.11
C ILE A 742 -26.37 -21.07 -3.19
N ILE A 743 -26.77 -21.09 -1.93
CA ILE A 743 -26.13 -21.95 -0.94
C ILE A 743 -26.36 -23.41 -1.31
N GLU A 744 -27.58 -23.73 -1.74
CA GLU A 744 -27.87 -25.09 -2.18
C GLU A 744 -27.04 -25.45 -3.42
N GLN A 745 -26.86 -24.52 -4.34
CA GLN A 745 -25.97 -24.76 -5.47
C GLN A 745 -24.51 -25.02 -5.07
N LEU A 746 -23.99 -24.23 -4.14
CA LEU A 746 -22.62 -24.41 -3.65
C LEU A 746 -22.47 -25.77 -2.96
N SER A 747 -23.40 -26.09 -2.07
CA SER A 747 -23.33 -27.32 -1.27
C SER A 747 -23.47 -28.56 -2.11
N SER A 748 -24.26 -28.47 -3.18
CA SER A 748 -24.63 -29.65 -3.95
C SER A 748 -23.65 -29.97 -5.06
N GLY A 749 -22.73 -29.06 -5.39
CA GLY A 749 -21.72 -29.34 -6.41
C GLY A 749 -22.00 -28.77 -7.79
N PHE A 750 -22.93 -27.82 -7.88
CA PHE A 750 -23.28 -27.18 -9.12
C PHE A 750 -22.07 -26.49 -9.75
N PHE A 751 -21.22 -25.88 -8.92
CA PHE A 751 -19.98 -25.24 -9.39
C PHE A 751 -18.72 -26.12 -9.31
N SER A 752 -18.88 -27.38 -8.92
CA SER A 752 -17.76 -28.34 -8.90
C SER A 752 -18.26 -29.79 -9.09
N PRO A 753 -18.71 -30.14 -10.32
CA PRO A 753 -19.34 -31.42 -10.62
C PRO A 753 -18.54 -32.65 -10.21
N LYS A 754 -17.24 -32.62 -10.44
CA LYS A 754 -16.38 -33.76 -10.14
C LYS A 754 -16.01 -33.85 -8.67
N GLN A 755 -16.10 -32.72 -7.95
CA GLN A 755 -15.78 -32.70 -6.54
C GLN A 755 -16.92 -31.97 -5.84
N PRO A 756 -18.08 -32.64 -5.70
CA PRO A 756 -19.27 -31.96 -5.17
C PRO A 756 -19.13 -31.30 -3.81
N ASP A 757 -18.23 -31.76 -2.96
CA ASP A 757 -18.08 -31.19 -1.62
C ASP A 757 -16.94 -30.14 -1.55
N LEU A 758 -16.51 -29.64 -2.70
CA LEU A 758 -15.31 -28.81 -2.77
C LEU A 758 -15.41 -27.54 -1.93
N PHE A 759 -16.59 -26.91 -1.92
CA PHE A 759 -16.78 -25.63 -1.25
C PHE A 759 -17.44 -25.75 0.11
N LYS A 760 -17.41 -26.94 0.71
CA LYS A 760 -18.07 -27.13 2.01
C LYS A 760 -17.49 -26.24 3.12
N ASP A 761 -16.19 -25.98 3.08
CA ASP A 761 -15.59 -25.10 4.08
C ASP A 761 -16.19 -23.70 3.97
N ILE A 762 -16.42 -23.26 2.72
CA ILE A 762 -16.98 -21.93 2.48
C ILE A 762 -18.41 -21.86 2.98
N VAL A 763 -19.22 -22.85 2.64
CA VAL A 763 -20.62 -22.88 3.09
C VAL A 763 -20.69 -22.94 4.62
N ASN A 764 -19.84 -23.78 5.21
CA ASN A 764 -19.86 -23.92 6.67
C ASN A 764 -19.50 -22.60 7.35
N MET A 765 -18.52 -21.90 6.82
CA MET A 765 -18.13 -20.62 7.37
C MET A 765 -19.26 -19.61 7.30
N LEU A 766 -19.86 -19.49 6.11
CA LEU A 766 -20.95 -18.56 5.90
C LEU A 766 -22.13 -18.79 6.82
N MET A 767 -22.49 -20.06 6.97
CA MET A 767 -23.66 -20.45 7.76
C MET A 767 -23.43 -20.42 9.29
N HIS A 768 -22.21 -20.68 9.76
CA HIS A 768 -21.96 -20.84 11.21
C HIS A 768 -20.86 -20.02 11.87
N HIS A 769 -19.90 -19.48 11.13
CA HIS A 769 -18.87 -18.66 11.81
C HIS A 769 -18.29 -17.58 10.93
N ASP A 770 -19.20 -16.78 10.38
CA ASP A 770 -18.83 -15.67 9.54
C ASP A 770 -18.65 -14.41 10.40
N ARG A 771 -17.41 -14.05 10.67
CA ARG A 771 -17.14 -12.85 11.43
C ARG A 771 -17.51 -11.55 10.70
N PHE A 772 -17.74 -11.62 9.39
CA PHE A 772 -17.92 -10.41 8.59
C PHE A 772 -19.31 -10.24 7.95
N LYS A 773 -20.24 -11.09 8.38
CA LYS A 773 -21.67 -10.86 8.16
C LYS A 773 -22.06 -10.65 6.70
N VAL A 774 -21.59 -11.57 5.85
CA VAL A 774 -21.84 -11.49 4.42
C VAL A 774 -23.34 -11.48 4.12
N PHE A 775 -24.09 -12.40 4.75
CA PHE A 775 -25.53 -12.51 4.47
C PHE A 775 -26.29 -11.26 4.90
N ALA A 776 -25.84 -10.59 5.96
CA ALA A 776 -26.56 -9.45 6.48
C ALA A 776 -26.61 -8.27 5.52
N ASP A 777 -25.63 -8.15 4.62
CA ASP A 777 -25.63 -7.06 3.66
C ASP A 777 -26.09 -7.50 2.26
N TYR A 778 -26.45 -8.77 2.08
CA TYR A 778 -26.76 -9.31 0.77
C TYR A 778 -27.93 -8.61 0.10
N GLU A 779 -29.08 -8.49 0.78
CA GLU A 779 -30.27 -7.92 0.12
C GLU A 779 -30.05 -6.48 -0.32
N GLU A 780 -29.54 -5.66 0.58
CA GLU A 780 -29.25 -4.26 0.26
C GLU A 780 -28.22 -4.11 -0.86
N TYR A 781 -27.25 -5.01 -0.91
CA TYR A 781 -26.22 -5.00 -1.95
C TYR A 781 -26.81 -5.30 -3.33
N VAL A 782 -27.63 -6.35 -3.43
CA VAL A 782 -28.27 -6.71 -4.67
C VAL A 782 -29.18 -5.59 -5.19
N LYS A 783 -29.98 -5.01 -4.30
CA LYS A 783 -30.84 -3.86 -4.65
C LYS A 783 -30.05 -2.66 -5.11
N CYS A 784 -28.93 -2.38 -4.45
CA CYS A 784 -28.09 -1.26 -4.84
C CYS A 784 -27.45 -1.49 -6.25
N GLN A 785 -27.04 -2.73 -6.52
CA GLN A 785 -26.52 -3.13 -7.82
C GLN A 785 -27.55 -2.93 -8.95
N GLU A 786 -28.83 -3.13 -8.63
CA GLU A 786 -29.91 -2.85 -9.61
C GLU A 786 -29.96 -1.37 -9.94
N ARG A 787 -29.74 -0.52 -8.95
CA ARG A 787 -29.70 0.91 -9.20
C ARG A 787 -28.49 1.33 -10.07
N VAL A 788 -27.36 0.65 -9.89
CA VAL A 788 -26.20 0.84 -10.75
C VAL A 788 -26.54 0.53 -12.21
N SER A 789 -27.15 -0.61 -12.44
CA SER A 789 -27.50 -1.05 -13.78
C SER A 789 -28.49 -0.07 -14.45
N ALA A 790 -29.45 0.42 -13.67
CA ALA A 790 -30.43 1.39 -14.17
C ALA A 790 -29.73 2.69 -14.61
N LEU A 791 -28.76 3.17 -13.83
CA LEU A 791 -28.09 4.39 -14.23
C LEU A 791 -27.19 4.17 -15.44
N TYR A 792 -26.61 2.98 -15.57
CA TYR A 792 -25.71 2.71 -16.71
C TYR A 792 -26.45 2.74 -18.07
N LYS A 793 -27.76 2.41 -18.05
CA LYS A 793 -28.65 2.53 -19.24
C LYS A 793 -28.81 3.95 -19.76
N ASN A 794 -28.47 4.95 -18.95
CA ASN A 794 -28.49 6.35 -19.36
C ASN A 794 -27.08 6.96 -19.37
N PRO A 795 -26.30 6.74 -20.44
CA PRO A 795 -24.89 7.18 -20.57
C PRO A 795 -24.62 8.61 -20.15
N ARG A 796 -25.51 9.52 -20.52
CA ARG A 796 -25.28 10.94 -20.22
C ARG A 796 -25.33 11.20 -18.72
N GLU A 797 -26.31 10.61 -18.04
CA GLU A 797 -26.44 10.83 -16.61
C GLU A 797 -25.38 10.04 -15.81
N TRP A 798 -25.03 8.85 -16.29
CA TRP A 798 -23.89 8.11 -15.72
C TRP A 798 -22.64 9.01 -15.78
N THR A 799 -22.33 9.54 -16.96
CA THR A 799 -21.15 10.39 -17.13
C THR A 799 -21.21 11.67 -16.32
N ARG A 800 -22.38 12.25 -16.15
CA ARG A 800 -22.47 13.44 -15.32
C ARG A 800 -22.14 13.09 -13.86
N MET A 801 -22.60 11.93 -13.39
CA MET A 801 -22.28 11.55 -11.99
C MET A 801 -20.76 11.30 -11.85
N VAL A 802 -20.16 10.72 -12.89
CA VAL A 802 -18.69 10.55 -12.95
C VAL A 802 -17.99 11.89 -12.80
N ILE A 803 -18.44 12.90 -13.57
CA ILE A 803 -17.78 14.20 -13.49
C ILE A 803 -17.86 14.76 -12.09
N ARG A 804 -18.99 14.55 -11.42
CA ARG A 804 -19.12 15.03 -10.03
C ARG A 804 -18.17 14.31 -9.05
N ASN A 805 -17.85 13.06 -9.32
CA ASN A 805 -16.84 12.31 -8.53
C ASN A 805 -15.41 12.80 -8.80
N ILE A 806 -15.04 12.87 -10.07
CA ILE A 806 -13.69 13.30 -10.42
C ILE A 806 -13.45 14.68 -9.83
N ALA A 807 -14.45 15.55 -9.96
CA ALA A 807 -14.32 16.94 -9.54
C ALA A 807 -14.13 17.14 -8.05
N THR A 808 -14.57 16.17 -7.25
CA THR A 808 -14.49 16.27 -5.79
C THR A 808 -13.45 15.29 -5.20
N SER A 809 -12.57 14.76 -6.04
CA SER A 809 -11.55 13.78 -5.59
C SER A 809 -10.30 14.46 -5.01
N GLY A 810 -10.23 15.80 -5.13
CA GLY A 810 -9.08 16.56 -4.65
C GLY A 810 -8.58 16.30 -3.24
N LYS A 811 -9.50 16.09 -2.28
CA LYS A 811 -9.11 15.86 -0.89
C LYS A 811 -8.17 14.64 -0.75
N PHE A 812 -8.25 13.73 -1.69
CA PHE A 812 -7.60 12.43 -1.58
C PHE A 812 -6.25 12.37 -2.24
N SER A 813 -5.69 13.53 -2.56
CA SER A 813 -4.29 13.61 -2.93
C SER A 813 -3.42 13.39 -1.68
N SER A 814 -2.37 12.59 -1.83
CA SER A 814 -1.42 12.45 -0.75
C SER A 814 -0.60 13.72 -0.49
N ASP A 815 -0.63 14.69 -1.40
CA ASP A 815 -0.06 16.02 -1.09
C ASP A 815 -0.78 16.68 0.08
N ARG A 816 -2.11 16.54 0.10
CA ARG A 816 -2.93 17.04 1.21
C ARG A 816 -2.56 16.29 2.50
N THR A 817 -2.53 14.96 2.41
CA THR A 817 -2.18 14.13 3.55
C THR A 817 -0.82 14.53 4.15
N ILE A 818 0.21 14.62 3.31
CA ILE A 818 1.54 14.91 3.77
C ILE A 818 1.66 16.33 4.33
N ALA A 819 0.95 17.28 3.73
CA ALA A 819 0.97 18.64 4.32
C ALA A 819 0.42 18.63 5.76
N GLN A 820 -0.59 17.79 6.02
CA GLN A 820 -1.14 17.65 7.36
C GLN A 820 -0.18 16.98 8.35
N TYR A 821 0.48 15.90 7.93
CA TYR A 821 1.52 15.32 8.74
C TYR A 821 2.62 16.35 9.07
N ALA A 822 3.03 17.07 8.03
CA ALA A 822 4.10 18.06 8.18
C ALA A 822 3.73 19.13 9.21
N ARG A 823 2.55 19.70 9.08
CA ARG A 823 2.16 20.81 9.95
C ARG A 823 1.76 20.35 11.35
N GLU A 824 1.04 19.24 11.44
CA GLU A 824 0.40 18.81 12.69
C GLU A 824 1.16 17.78 13.49
N ILE A 825 2.12 17.10 12.86
CA ILE A 825 2.92 16.09 13.56
C ILE A 825 4.42 16.40 13.54
N TRP A 826 4.97 16.71 12.38
CA TRP A 826 6.42 16.83 12.25
C TRP A 826 6.95 18.22 12.55
N GLY A 827 6.08 19.22 12.44
CA GLY A 827 6.46 20.60 12.80
C GLY A 827 7.35 21.22 11.75
N VAL A 828 7.04 20.95 10.48
CA VAL A 828 7.78 21.52 9.34
C VAL A 828 6.80 22.06 8.30
N GLU A 829 7.24 23.06 7.56
CA GLU A 829 6.39 23.69 6.54
C GLU A 829 6.72 23.14 5.17
N PRO A 830 5.70 22.67 4.43
CA PRO A 830 5.91 22.27 3.04
C PRO A 830 6.28 23.48 2.15
N SER A 831 6.87 23.21 1.01
CA SER A 831 7.23 24.27 0.06
C SER A 831 6.96 23.75 -1.35
N ARG A 832 6.45 24.62 -2.21
CA ARG A 832 6.28 24.26 -3.63
C ARG A 832 7.36 24.92 -4.51
N GLN A 833 8.34 25.57 -3.86
CA GLN A 833 9.39 26.30 -4.57
C GLN A 833 10.41 25.36 -5.22
N ARG A 834 10.73 25.66 -6.48
CA ARG A 834 11.73 24.92 -7.28
C ARG A 834 13.12 25.11 -6.71
N LEU A 835 13.92 24.05 -6.70
CA LEU A 835 15.36 24.19 -6.58
C LEU A 835 15.90 24.52 -7.97
N PRO A 836 17.08 25.18 -8.05
CA PRO A 836 17.68 25.49 -9.36
C PRO A 836 18.22 24.24 -10.07
N ALA A 837 18.04 24.18 -11.39
CA ALA A 837 18.33 22.98 -12.21
C ALA A 837 19.79 22.84 -12.61
N1 PLP B . -2.63 -3.49 -4.10
C2 PLP B . -2.16 -2.74 -5.13
C2A PLP B . -1.23 -3.32 -6.16
C3 PLP B . -2.55 -1.35 -5.20
O3 PLP B . -2.11 -0.53 -6.18
C4 PLP B . -3.44 -0.81 -4.15
C4A PLP B . -3.89 0.61 -4.13
C5 PLP B . -3.86 -1.72 -3.07
C6 PLP B . -3.42 -3.02 -3.10
C5A PLP B . -4.79 -1.24 -1.99
O4P PLP B . -6.12 -1.45 -2.49
P PLP B . -7.33 -1.47 -1.38
O1P PLP B . -8.50 -1.69 -2.28
O2P PLP B . -7.04 -2.67 -0.52
O3P PLP B . -7.28 -0.17 -0.65
C6 6MY C . -0.55 -4.75 7.26
C8 6MY C . 0.64 -6.45 8.50
N5 6MY C . -2.08 -3.18 5.96
C9 6MY C . 1.41 -6.76 7.37
O6' 6MY C . -3.26 2.77 5.52
C6' 6MY C . -2.91 2.02 4.36
C5' 6MY C . -3.70 0.72 4.32
C4' 6MY C . -5.21 0.93 4.54
O4' 6MY C . -5.79 1.69 3.48
O5' 6MY C . -3.18 -0.18 5.30
C1' 6MY C . -3.79 -1.48 5.26
C2' 6MY C . -5.28 -1.34 5.65
O2' 6MY C . -5.94 -2.60 5.67
C3' 6MY C . -5.96 -0.38 4.66
O3' 6MY C . -7.32 -0.08 5.06
C1 6MY C . -3.06 -2.32 6.26
N2 6MY C . -3.25 -2.32 7.60
C3 6MY C . -2.37 -3.20 8.15
C4 6MY C . -1.62 -3.72 7.14
C7 6MY C . -0.32 -5.44 8.46
C10 6MY C . 1.18 -6.07 6.19
C11 6MY C . 0.21 -5.07 6.15
S DMS D . 24.33 11.79 3.80
O DMS D . 25.17 11.80 5.01
C1 DMS D . 25.10 12.70 2.57
C2 DMS D . 24.33 10.22 3.11
#